data_5VEP
#
_entry.id   5VEP
#
_cell.length_a   91.820
_cell.length_b   91.820
_cell.length_c   233.649
_cell.angle_alpha   90.000
_cell.angle_beta   90.000
_cell.angle_gamma   90.000
#
_symmetry.space_group_name_H-M   'P 43 21 2'
#
loop_
_entity.id
_entity.type
_entity.pdbx_description
1 polymer 'Kynurenine--oxoglutarate transaminase 3'
2 non-polymer '4-(2-HYDROXYETHYL)-1-PIPERAZINE ETHANESULFONIC ACID'
3 non-polymer DI(HYDROXYETHYL)ETHER
4 non-polymer GLYCEROL
5 non-polymer 'CALCIUM ION'
6 water water
#
_entity_poly.entity_id   1
_entity_poly.type   'polypeptide(L)'
_entity_poly.pdbx_seq_one_letter_code
;NAKRIEGLDSNVWVEFTKLAADPSVVNLGQGFPDISPPSYVKEELSKAAFIDNMNQYTRGFGHPALVKALSCLYGKIYQR
QIDPNEEILVAVGAYGSLFNSIQGLVDPGDEVIIMVPFYDCYEPMVRMAGAVPVFIPLRSKPTDGMKWTSSDWTFDPREL
ESKFSSKTKAIILNTPHNPLGKVYTRQELQVIADLCVKHDTLCISDEVYEWLVYTGHTHVKIATLPGMWERTITIGSAG
(LLP)TFSVTGWKLGWSIGPAHLIKHLQTVQQNSFYTCATPLQAALAEAFWIDIKRMDDPECYFNSLPKELEVKRDRMVR
LLNSVGLKPIVPDGGYFIIADVSSLGADLSDMNSDEPYDYKFVKWMTKHKKLTAIPVSAFCDSKSKPHFEKLVRFCFIKK
DSTLDAAEEIFRAWN
;
_entity_poly.pdbx_strand_id   A,B
#
# COMPACT_ATOMS: atom_id res chain seq x y z
N ASN A 1 -21.51 4.61 2.93
CA ASN A 1 -20.22 3.95 3.37
C ASN A 1 -20.39 2.58 4.06
N ALA A 2 -19.45 1.64 3.85
CA ALA A 2 -19.52 0.32 4.50
C ALA A 2 -19.42 0.37 6.04
N LYS A 3 -20.07 -0.56 6.75
CA LYS A 3 -20.17 -0.53 8.24
C LYS A 3 -18.84 -0.58 9.00
N ARG A 4 -17.90 -1.43 8.56
CA ARG A 4 -16.53 -1.58 9.12
C ARG A 4 -15.76 -0.26 9.24
N ILE A 5 -16.22 0.78 8.55
CA ILE A 5 -15.60 2.12 8.66
C ILE A 5 -16.44 3.25 9.27
N GLU A 6 -17.63 2.94 9.85
CA GLU A 6 -18.39 4.00 10.58
C GLU A 6 -17.52 4.67 11.61
N GLY A 7 -17.49 6.00 11.56
CA GLY A 7 -16.82 6.79 12.58
C GLY A 7 -15.31 6.75 12.59
N LEU A 8 -14.70 6.19 11.54
CA LEU A 8 -13.24 6.11 11.43
C LEU A 8 -12.67 7.14 10.46
N ASP A 9 -13.48 8.16 10.19
CA ASP A 9 -13.19 9.14 9.16
C ASP A 9 -12.62 10.46 9.70
N SER A 10 -12.33 10.49 11.01
CA SER A 10 -11.75 11.67 11.66
C SER A 10 -10.34 11.97 11.13
N ASN A 11 -10.14 13.20 10.65
CA ASN A 11 -8.78 13.71 10.36
C ASN A 11 -8.52 15.14 10.84
N VAL A 12 -8.31 15.28 12.14
CA VAL A 12 -7.79 16.52 12.71
C VAL A 12 -6.34 16.78 12.25
N TRP A 13 -5.78 15.79 11.58
CA TRP A 13 -4.43 15.90 11.06
C TRP A 13 -4.27 16.77 9.79
N VAL A 14 -5.35 16.94 9.03
CA VAL A 14 -5.31 17.93 7.92
C VAL A 14 -5.41 19.34 8.49
N GLU A 15 -6.15 19.48 9.60
CA GLU A 15 -6.13 20.72 10.37
C GLU A 15 -4.70 21.12 10.77
N PHE A 16 -3.92 20.17 11.31
CA PHE A 16 -2.52 20.44 11.73
C PHE A 16 -1.56 20.80 10.56
N THR A 17 -1.86 20.32 9.35
CA THR A 17 -1.15 20.70 8.13
C THR A 17 -1.46 22.15 7.77
N LYS A 18 -2.75 22.49 7.85
CA LYS A 18 -3.29 23.82 7.55
C LYS A 18 -2.58 24.88 8.42
N LEU A 19 -2.58 24.66 9.74
CA LEU A 19 -1.83 25.46 10.72
C LEU A 19 -0.39 25.74 10.29
N ALA A 20 0.28 24.66 9.86
CA ALA A 20 1.68 24.64 9.49
C ALA A 20 1.99 25.11 8.03
N ALA A 21 0.97 25.50 7.25
CA ALA A 21 1.16 25.81 5.81
C ALA A 21 1.83 27.17 5.57
N ASP A 22 1.34 28.20 6.27
CA ASP A 22 1.99 29.52 6.48
C ASP A 22 3.53 29.40 6.58
N PRO A 23 4.28 30.02 5.63
CA PRO A 23 5.72 29.72 5.63
C PRO A 23 6.58 30.54 6.64
N SER A 24 6.00 31.54 7.29
CA SER A 24 6.68 32.25 8.40
C SER A 24 6.57 31.50 9.77
N VAL A 25 6.18 30.22 9.71
CA VAL A 25 5.97 29.36 10.90
C VAL A 25 7.08 28.30 10.97
N VAL A 26 7.62 28.09 12.17
CA VAL A 26 8.56 26.99 12.40
C VAL A 26 7.73 25.76 12.79
N ASN A 27 7.72 24.75 11.92
CA ASN A 27 6.89 23.58 12.11
C ASN A 27 7.65 22.46 12.83
N LEU A 28 7.33 22.32 14.11
CA LEU A 28 7.89 21.24 14.93
C LEU A 28 6.78 20.24 15.31
N GLY A 29 5.83 20.09 14.39
CA GLY A 29 4.59 19.38 14.64
C GLY A 29 4.73 17.94 14.24
N GLN A 30 4.34 17.64 13.00
CA GLN A 30 4.44 16.28 12.44
C GLN A 30 5.92 15.82 12.25
N GLY A 31 6.14 14.50 12.26
CA GLY A 31 7.47 13.89 12.28
C GLY A 31 8.06 13.88 10.90
N PHE A 32 8.54 15.04 10.47
CA PHE A 32 9.00 15.33 9.11
C PHE A 32 10.45 15.72 9.32
N PRO A 33 11.39 14.75 9.12
CA PRO A 33 12.82 15.11 9.10
C PRO A 33 13.06 16.18 8.06
N ASP A 34 13.80 17.22 8.41
CA ASP A 34 14.18 18.19 7.40
C ASP A 34 15.72 18.20 7.27
N ILE A 35 16.35 17.27 8.00
CA ILE A 35 17.74 16.89 7.73
C ILE A 35 17.78 16.12 6.41
N SER A 36 18.93 16.13 5.75
CA SER A 36 19.20 15.22 4.63
C SER A 36 19.17 13.75 5.00
N PRO A 37 18.57 12.89 4.14
CA PRO A 37 18.82 11.46 4.27
C PRO A 37 20.28 11.18 3.95
N PRO A 38 20.81 10.02 4.40
CA PRO A 38 22.20 9.65 4.05
C PRO A 38 22.39 9.72 2.54
N SER A 39 23.50 10.28 2.07
CA SER A 39 23.78 10.43 0.62
C SER A 39 23.57 9.13 -0.20
N TYR A 40 24.09 8.03 0.35
CA TYR A 40 24.04 6.74 -0.33
C TYR A 40 22.63 6.16 -0.53
N VAL A 41 21.68 6.57 0.31
CA VAL A 41 20.29 6.17 0.20
C VAL A 41 19.69 6.86 -1.02
N LYS A 42 20.00 8.15 -1.20
CA LYS A 42 19.55 8.89 -2.38
C LYS A 42 20.20 8.32 -3.62
N GLU A 43 21.50 8.03 -3.55
CA GLU A 43 22.24 7.52 -4.70
C GLU A 43 21.67 6.22 -5.20
N GLU A 44 21.34 5.34 -4.27
CA GLU A 44 20.86 4.02 -4.61
C GLU A 44 19.49 4.02 -5.34
N LEU A 45 18.57 4.86 -4.89
CA LEU A 45 17.30 5.07 -5.59
C LEU A 45 17.54 5.48 -7.04
N SER A 46 18.46 6.44 -7.24
CA SER A 46 18.87 6.88 -8.57
C SER A 46 19.41 5.77 -9.46
N LYS A 47 20.27 4.92 -8.89
CA LYS A 47 20.89 3.83 -9.62
C LYS A 47 19.85 2.83 -10.02
N ALA A 48 18.88 2.59 -9.13
CA ALA A 48 17.82 1.62 -9.39
C ALA A 48 16.85 2.15 -10.43
N ALA A 49 16.67 3.48 -10.48
CA ALA A 49 15.80 4.09 -11.45
C ALA A 49 16.25 3.77 -12.90
N PHE A 50 17.56 3.64 -13.12
CA PHE A 50 18.05 3.39 -14.46
C PHE A 50 18.15 1.91 -14.87
N ILE A 51 17.77 0.98 -13.99
CA ILE A 51 17.70 -0.43 -14.35
C ILE A 51 16.25 -0.84 -14.60
N ASP A 52 15.98 -1.17 -15.86
CA ASP A 52 14.67 -1.61 -16.33
C ASP A 52 13.96 -2.62 -15.44
N ASN A 53 14.61 -3.73 -15.10
CA ASN A 53 13.95 -4.71 -14.21
C ASN A 53 13.48 -4.05 -12.92
N MET A 54 14.26 -3.11 -12.40
CA MET A 54 13.98 -2.52 -11.10
C MET A 54 12.74 -1.64 -11.12
N ASN A 55 12.21 -1.44 -12.31
CA ASN A 55 10.98 -0.71 -12.52
C ASN A 55 9.77 -1.60 -12.81
N GLN A 56 9.98 -2.91 -12.79
CA GLN A 56 8.88 -3.87 -13.01
C GLN A 56 8.54 -4.64 -11.75
N TYR A 57 7.38 -5.30 -11.75
CA TYR A 57 6.91 -6.10 -10.63
C TYR A 57 8.02 -6.96 -9.99
N THR A 58 8.10 -6.95 -8.66
CA THR A 58 8.97 -7.87 -7.91
C THR A 58 8.13 -8.82 -7.06
N ARG A 59 8.76 -9.59 -6.17
CA ARG A 59 8.08 -10.58 -5.35
C ARG A 59 7.06 -9.90 -4.41
N GLY A 60 5.84 -10.44 -4.42
CA GLY A 60 4.72 -9.97 -3.59
C GLY A 60 5.04 -9.69 -2.12
N PHE A 61 5.81 -10.57 -1.49
CA PHE A 61 6.00 -10.48 -0.04
C PHE A 61 7.24 -9.71 0.32
N GLY A 62 7.98 -9.30 -0.70
CA GLY A 62 9.14 -8.43 -0.59
C GLY A 62 10.19 -8.83 -1.58
N HIS A 63 10.84 -7.83 -2.15
CA HIS A 63 11.93 -7.96 -3.11
C HIS A 63 13.01 -8.84 -2.49
N PRO A 64 13.43 -9.94 -3.17
CA PRO A 64 14.35 -10.92 -2.54
C PRO A 64 15.62 -10.33 -1.94
N ALA A 65 16.22 -9.36 -2.62
CA ALA A 65 17.42 -8.70 -2.12
C ALA A 65 17.13 -7.97 -0.78
N LEU A 66 15.91 -7.44 -0.63
CA LEU A 66 15.53 -6.75 0.59
C LEU A 66 15.29 -7.72 1.70
N VAL A 67 14.46 -8.72 1.45
CA VAL A 67 14.22 -9.68 2.51
C VAL A 67 15.52 -10.46 2.86
N LYS A 68 16.44 -10.60 1.90
CA LYS A 68 17.75 -11.17 2.22
C LYS A 68 18.49 -10.26 3.18
N ALA A 69 18.51 -8.97 2.89
CA ALA A 69 19.18 -7.99 3.75
C ALA A 69 18.57 -8.02 5.16
N LEU A 70 17.24 -7.98 5.25
CA LEU A 70 16.52 -7.93 6.53
C LEU A 70 16.78 -9.14 7.41
N SER A 71 16.84 -10.32 6.77
CA SER A 71 17.02 -11.56 7.51
C SER A 71 18.43 -11.61 8.08
N CYS A 72 19.38 -11.05 7.34
CA CYS A 72 20.75 -11.03 7.78
C CYS A 72 20.86 -10.02 8.96
N LEU A 73 20.28 -8.85 8.84
CA LEU A 73 20.35 -7.83 9.88
C LEU A 73 19.68 -8.28 11.16
N TYR A 74 18.42 -8.75 11.07
CA TYR A 74 17.68 -9.11 12.29
C TYR A 74 18.14 -10.42 12.85
N GLY A 75 18.66 -11.29 11.99
CA GLY A 75 19.41 -12.47 12.39
C GLY A 75 20.44 -12.19 13.47
N LYS A 76 21.30 -11.21 13.22
CA LYS A 76 22.28 -10.72 14.20
C LYS A 76 21.62 -10.26 15.49
N ILE A 77 20.54 -9.49 15.38
CA ILE A 77 19.89 -8.87 16.53
C ILE A 77 19.22 -9.94 17.38
N TYR A 78 18.37 -10.74 16.76
CA TYR A 78 17.64 -11.77 17.47
C TYR A 78 18.50 -12.89 18.02
N GLN A 79 19.75 -12.96 17.56
CA GLN A 79 20.65 -14.11 17.70
C GLN A 79 19.98 -15.41 17.20
N ARG A 80 19.22 -15.30 16.12
CA ARG A 80 18.37 -16.38 15.64
C ARG A 80 18.42 -16.28 14.13
N GLN A 81 18.52 -17.41 13.42
CA GLN A 81 18.31 -17.39 11.96
C GLN A 81 16.86 -17.02 11.67
N ILE A 82 16.72 -16.01 10.82
CA ILE A 82 15.43 -15.47 10.40
C ILE A 82 15.27 -15.82 8.91
N ASP A 83 14.13 -16.41 8.60
CA ASP A 83 13.81 -16.90 7.28
C ASP A 83 13.29 -15.77 6.37
N PRO A 84 14.10 -15.38 5.36
CA PRO A 84 13.66 -14.24 4.52
C PRO A 84 12.26 -14.41 3.86
N ASN A 85 11.84 -15.65 3.58
CA ASN A 85 10.58 -15.84 2.85
C ASN A 85 9.40 -16.12 3.75
N GLU A 86 9.62 -16.90 4.82
CA GLU A 86 8.52 -17.36 5.72
C GLU A 86 8.27 -16.48 6.95
N GLU A 87 9.28 -15.72 7.34
CA GLU A 87 9.27 -14.99 8.60
C GLU A 87 9.37 -13.45 8.44
N ILE A 88 9.36 -12.98 7.18
CA ILE A 88 9.30 -11.55 6.81
C ILE A 88 8.21 -11.28 5.79
N LEU A 89 7.42 -10.23 6.06
CA LEU A 89 6.56 -9.63 5.07
C LEU A 89 6.91 -8.16 4.90
N VAL A 90 7.23 -7.75 3.69
CA VAL A 90 7.46 -6.32 3.42
C VAL A 90 6.12 -5.68 3.03
N ALA A 91 5.82 -4.52 3.59
CA ALA A 91 4.55 -3.84 3.37
C ALA A 91 4.70 -2.33 3.24
N VAL A 92 3.62 -1.65 2.86
CA VAL A 92 3.61 -0.19 2.66
C VAL A 92 3.82 0.48 4.04
N GLY A 93 5.09 0.69 4.38
CA GLY A 93 5.47 1.20 5.71
C GLY A 93 5.14 0.23 6.83
N ALA A 94 5.64 0.56 8.01
CA ALA A 94 5.11 0.02 9.27
C ALA A 94 3.60 0.22 9.46
N TYR A 95 3.06 1.28 8.89
CA TYR A 95 1.63 1.53 8.90
C TYR A 95 0.86 0.35 8.30
N GLY A 96 1.25 -0.03 7.08
CA GLY A 96 0.67 -1.17 6.40
C GLY A 96 0.97 -2.48 7.10
N SER A 97 2.09 -2.53 7.84
CA SER A 97 2.42 -3.75 8.59
C SER A 97 1.44 -3.91 9.75
N LEU A 98 1.19 -2.82 10.47
CA LEU A 98 0.18 -2.81 11.49
C LEU A 98 -1.18 -3.28 10.93
N PHE A 99 -1.60 -2.71 9.80
CA PHE A 99 -2.77 -3.20 9.09
C PHE A 99 -2.73 -4.71 8.79
N ASN A 100 -1.67 -5.21 8.20
CA ASN A 100 -1.58 -6.64 7.98
C ASN A 100 -1.74 -7.42 9.27
N SER A 101 -1.06 -6.97 10.32
CA SER A 101 -1.08 -7.66 11.61
C SER A 101 -2.47 -7.75 12.16
N ILE A 102 -3.13 -6.62 12.25
CA ILE A 102 -4.47 -6.59 12.81
C ILE A 102 -5.52 -7.27 11.91
N GLN A 103 -5.51 -6.96 10.63
CA GLN A 103 -6.48 -7.57 9.72
C GLN A 103 -6.36 -9.08 9.58
N GLY A 104 -5.11 -9.57 9.58
CA GLY A 104 -4.80 -11.01 9.49
C GLY A 104 -4.98 -11.82 10.76
N LEU A 105 -4.91 -11.14 11.92
CA LEU A 105 -4.87 -11.82 13.21
C LEU A 105 -6.01 -11.59 14.19
N VAL A 106 -6.87 -10.64 13.89
CA VAL A 106 -7.80 -10.15 14.89
C VAL A 106 -9.21 -10.29 14.29
N ASP A 107 -10.08 -10.88 15.11
CA ASP A 107 -11.47 -11.16 14.73
C ASP A 107 -12.48 -10.28 15.41
N PRO A 108 -13.63 -10.05 14.76
CA PRO A 108 -14.70 -9.29 15.44
C PRO A 108 -15.06 -9.88 16.83
N GLY A 109 -15.16 -9.00 17.83
CA GLY A 109 -15.48 -9.41 19.17
C GLY A 109 -14.29 -9.77 20.03
N ASP A 110 -13.10 -9.83 19.42
CA ASP A 110 -11.81 -9.91 20.11
C ASP A 110 -11.48 -8.64 20.86
N GLU A 111 -10.69 -8.78 21.92
CA GLU A 111 -10.15 -7.61 22.64
C GLU A 111 -8.68 -7.34 22.35
N VAL A 112 -8.36 -6.08 22.11
CA VAL A 112 -6.97 -5.69 21.89
C VAL A 112 -6.61 -4.60 22.89
N ILE A 113 -5.52 -4.83 23.62
CA ILE A 113 -5.04 -3.92 24.65
C ILE A 113 -4.11 -2.86 24.08
N ILE A 114 -4.41 -1.61 24.39
CA ILE A 114 -3.64 -0.48 23.88
C ILE A 114 -3.17 0.42 25.05
N MET A 115 -1.86 0.68 25.10
CA MET A 115 -1.32 1.63 26.07
C MET A 115 -1.45 3.12 25.66
N VAL A 116 -2.13 3.92 26.48
CA VAL A 116 -2.36 5.34 26.15
C VAL A 116 -1.32 6.24 26.83
N PRO A 117 -0.79 7.27 26.15
CA PRO A 117 -1.12 7.61 24.75
C PRO A 117 -0.50 6.64 23.75
N PHE A 118 -1.13 6.53 22.58
CA PHE A 118 -0.77 5.55 21.53
C PHE A 118 -0.59 6.20 20.20
N TYR A 119 0.27 5.61 19.36
CA TYR A 119 0.31 5.99 17.95
C TYR A 119 -1.11 5.82 17.44
N ASP A 120 -1.65 6.88 16.86
CA ASP A 120 -3.11 7.07 16.88
C ASP A 120 -3.89 6.07 16.01
N CYS A 121 -3.22 5.45 15.04
CA CYS A 121 -3.89 4.51 14.16
C CYS A 121 -4.28 3.20 14.83
N TYR A 122 -3.74 2.90 16.02
CA TYR A 122 -4.01 1.63 16.68
C TYR A 122 -5.49 1.49 16.95
N GLU A 123 -6.14 2.50 17.54
CA GLU A 123 -7.58 2.46 17.78
C GLU A 123 -8.43 2.22 16.50
N PRO A 124 -8.37 3.12 15.50
CA PRO A 124 -9.21 2.80 14.33
C PRO A 124 -8.93 1.41 13.64
N MET A 125 -7.66 1.01 13.50
CA MET A 125 -7.35 -0.34 13.02
C MET A 125 -8.09 -1.42 13.80
N VAL A 126 -8.02 -1.42 15.14
CA VAL A 126 -8.72 -2.47 15.90
C VAL A 126 -10.25 -2.48 15.70
N ARG A 127 -10.83 -1.29 15.68
CA ARG A 127 -12.28 -1.14 15.50
C ARG A 127 -12.72 -1.59 14.11
N MET A 128 -11.91 -1.34 13.08
CA MET A 128 -12.21 -1.78 11.72
C MET A 128 -12.24 -3.28 11.57
N ALA A 129 -11.40 -3.97 12.34
CA ALA A 129 -11.45 -5.44 12.43
C ALA A 129 -12.66 -5.92 13.23
N GLY A 130 -13.52 -5.01 13.67
CA GLY A 130 -14.68 -5.39 14.48
C GLY A 130 -14.34 -5.79 15.91
N ALA A 131 -13.13 -5.48 16.37
CA ALA A 131 -12.65 -5.81 17.70
C ALA A 131 -12.79 -4.62 18.70
N VAL A 132 -12.70 -4.92 20.01
CA VAL A 132 -12.82 -3.85 21.01
C VAL A 132 -11.46 -3.46 21.60
N PRO A 133 -11.07 -2.18 21.42
CA PRO A 133 -9.86 -1.67 22.03
C PRO A 133 -10.03 -1.59 23.55
N VAL A 134 -9.03 -2.04 24.30
CA VAL A 134 -9.10 -1.91 25.75
C VAL A 134 -7.89 -1.09 26.20
N PHE A 135 -8.19 0.09 26.74
CA PHE A 135 -7.17 1.09 27.04
C PHE A 135 -6.61 0.94 28.45
N ILE A 136 -5.29 1.08 28.57
CA ILE A 136 -4.62 1.23 29.85
C ILE A 136 -3.63 2.39 29.73
N PRO A 137 -3.67 3.37 30.68
CA PRO A 137 -2.78 4.51 30.58
C PRO A 137 -1.39 4.28 31.17
N LEU A 138 -0.37 4.93 30.60
CA LEU A 138 0.88 5.17 31.32
C LEU A 138 0.68 6.24 32.40
N ARG A 139 1.25 5.97 33.57
CA ARG A 139 1.17 6.90 34.68
C ARG A 139 2.61 7.29 35.02
N SER A 140 2.80 8.48 35.60
CA SER A 140 4.18 8.86 35.99
C SER A 140 4.49 8.58 37.46
N LYS A 141 5.72 8.20 37.77
CA LYS A 141 6.23 8.08 39.14
C LYS A 141 6.93 9.39 39.52
N PRO A 142 7.37 9.53 40.79
CA PRO A 142 8.26 10.63 41.14
C PRO A 142 9.58 10.69 40.40
N THR A 143 10.01 11.91 40.19
CA THR A 143 11.21 12.26 39.47
C THR A 143 12.52 11.90 40.23
N ASP A 144 13.66 11.86 39.55
CA ASP A 144 14.97 11.72 40.24
C ASP A 144 15.28 12.94 41.12
N GLY A 145 14.69 14.10 40.78
CA GLY A 145 14.95 15.38 41.42
C GLY A 145 15.43 16.40 40.40
N MET A 146 16.39 16.00 39.54
CA MET A 146 17.04 16.90 38.55
C MET A 146 16.15 17.20 37.36
N LYS A 147 15.76 16.16 36.64
CA LYS A 147 15.00 16.29 35.40
C LYS A 147 13.82 15.33 35.34
N TRP A 148 12.83 15.70 34.53
CA TRP A 148 11.72 14.84 34.19
C TRP A 148 12.06 14.02 32.93
N THR A 149 12.00 12.69 33.01
CA THR A 149 12.30 11.86 31.84
C THR A 149 11.19 10.89 31.44
N SER A 150 11.34 10.28 30.26
CA SER A 150 10.49 9.22 29.74
C SER A 150 10.37 8.02 30.65
N SER A 151 11.48 7.73 31.33
CA SER A 151 11.59 6.64 32.29
C SER A 151 10.78 6.85 33.57
N ASP A 152 10.40 8.10 33.82
CA ASP A 152 9.53 8.41 34.92
C ASP A 152 8.08 8.03 34.62
N TRP A 153 7.83 7.52 33.42
CA TRP A 153 6.51 7.05 33.02
C TRP A 153 6.53 5.52 32.96
N THR A 154 5.53 4.90 33.58
CA THR A 154 5.42 3.44 33.59
C THR A 154 3.95 2.99 33.56
N PHE A 155 3.73 1.68 33.59
CA PHE A 155 2.39 1.17 33.78
C PHE A 155 2.33 0.39 35.11
N ASP A 156 1.11 0.27 35.64
CA ASP A 156 0.81 -0.48 36.85
C ASP A 156 0.62 -1.95 36.42
N PRO A 157 1.52 -2.86 36.87
CA PRO A 157 1.42 -4.28 36.48
C PRO A 157 0.08 -4.95 36.87
N ARG A 158 -0.49 -4.57 38.00
CA ARG A 158 -1.74 -5.15 38.51
C ARG A 158 -2.93 -4.65 37.71
N GLU A 159 -2.87 -3.38 37.33
CA GLU A 159 -3.84 -2.80 36.40
C GLU A 159 -3.81 -3.50 35.03
N LEU A 160 -2.60 -3.81 34.55
CA LEU A 160 -2.43 -4.48 33.28
C LEU A 160 -3.07 -5.86 33.30
N GLU A 161 -2.78 -6.63 34.36
CA GLU A 161 -3.36 -7.94 34.55
C GLU A 161 -4.89 -7.90 34.45
N SER A 162 -5.48 -6.89 35.12
CA SER A 162 -6.91 -6.64 35.16
C SER A 162 -7.52 -6.45 33.77
N LYS A 163 -6.71 -6.09 32.78
CA LYS A 163 -7.18 -5.89 31.41
C LYS A 163 -7.32 -7.16 30.58
N PHE A 164 -6.49 -8.16 30.88
CA PHE A 164 -6.52 -9.42 30.17
C PHE A 164 -7.75 -10.22 30.61
N SER A 165 -8.46 -10.83 29.66
CA SER A 165 -9.59 -11.71 29.93
C SER A 165 -9.52 -12.86 28.93
N SER A 166 -10.49 -13.75 28.94
CA SER A 166 -10.48 -14.80 27.94
C SER A 166 -10.71 -14.26 26.53
N LYS A 167 -11.35 -13.09 26.44
CA LYS A 167 -11.60 -12.34 25.18
C LYS A 167 -10.37 -11.62 24.59
N THR A 168 -9.29 -11.42 25.37
CA THR A 168 -8.04 -10.80 24.86
C THR A 168 -7.43 -11.65 23.76
N LYS A 169 -7.29 -11.04 22.59
CA LYS A 169 -6.60 -11.64 21.45
C LYS A 169 -5.12 -11.23 21.46
N ALA A 170 -4.85 -9.94 21.68
CA ALA A 170 -3.52 -9.40 21.57
C ALA A 170 -3.34 -8.13 22.39
N ILE A 171 -2.08 -7.74 22.58
CA ILE A 171 -1.66 -6.43 23.10
C ILE A 171 -0.73 -5.71 22.10
N ILE A 172 -0.93 -4.40 21.94
CA ILE A 172 -0.05 -3.65 21.05
C ILE A 172 0.94 -2.90 21.91
N LEU A 173 2.21 -3.21 21.70
CA LEU A 173 3.34 -2.59 22.35
C LEU A 173 4.04 -1.68 21.34
N ASN A 174 4.41 -0.48 21.79
CA ASN A 174 5.18 0.50 20.99
C ASN A 174 6.42 1.02 21.77
N THR A 175 7.58 0.49 21.37
CA THR A 175 8.85 0.83 21.99
C THR A 175 10.02 0.88 20.98
N PRO A 176 10.81 1.96 20.91
CA PRO A 176 10.59 3.20 21.68
C PRO A 176 9.23 3.89 21.39
N HIS A 177 8.67 4.55 22.40
CA HIS A 177 7.29 4.97 22.32
C HIS A 177 7.04 6.34 21.69
N ASN A 178 6.04 6.39 20.83
CA ASN A 178 5.52 7.63 20.25
C ASN A 178 4.11 7.87 20.88
N PRO A 179 3.87 8.99 21.60
CA PRO A 179 4.75 10.19 21.67
C PRO A 179 5.73 10.38 22.84
N LEU A 180 5.71 9.54 23.86
CA LEU A 180 6.51 9.76 25.08
C LEU A 180 8.01 9.80 24.87
N GLY A 181 8.51 8.89 24.04
CA GLY A 181 9.93 8.65 23.97
C GLY A 181 10.35 7.53 24.90
N LYS A 182 9.40 6.82 25.49
CA LYS A 182 9.72 5.77 26.47
C LYS A 182 10.39 4.54 25.83
N VAL A 183 11.53 4.14 26.38
CA VAL A 183 12.20 2.87 26.06
C VAL A 183 11.85 1.89 27.17
N TYR A 184 10.97 0.95 26.86
CA TYR A 184 10.48 -0.01 27.85
C TYR A 184 11.63 -0.86 28.37
N THR A 185 11.60 -1.20 29.66
CA THR A 185 12.68 -1.92 30.31
C THR A 185 12.47 -3.39 30.18
N ARG A 186 13.55 -4.13 30.27
CA ARG A 186 13.45 -5.59 30.31
C ARG A 186 12.41 -6.06 31.37
N GLN A 187 12.35 -5.41 32.55
CA GLN A 187 11.34 -5.71 33.59
C GLN A 187 9.92 -5.40 33.13
N GLU A 188 9.74 -4.33 32.38
CA GLU A 188 8.42 -4.02 31.89
C GLU A 188 8.04 -5.02 30.80
N LEU A 189 8.98 -5.33 29.91
CA LEU A 189 8.66 -6.31 28.85
C LEU A 189 8.37 -7.69 29.44
N GLN A 190 8.97 -7.98 30.59
CA GLN A 190 8.77 -9.27 31.26
C GLN A 190 7.38 -9.36 31.87
N VAL A 191 6.82 -8.26 32.35
CA VAL A 191 5.45 -8.27 32.89
C VAL A 191 4.47 -8.57 31.75
N ILE A 192 4.61 -7.86 30.65
CA ILE A 192 3.79 -8.08 29.44
C ILE A 192 3.92 -9.53 28.91
N ALA A 193 5.15 -10.03 28.81
CA ALA A 193 5.40 -11.34 28.24
C ALA A 193 4.71 -12.42 29.11
N ASP A 194 4.96 -12.36 30.43
CA ASP A 194 4.19 -13.11 31.45
C ASP A 194 2.70 -13.22 31.18
N LEU A 195 2.05 -12.12 30.80
CA LEU A 195 0.61 -12.15 30.67
C LEU A 195 0.17 -12.74 29.35
N CYS A 196 1.02 -12.59 28.33
CA CYS A 196 0.74 -13.16 27.02
C CYS A 196 0.88 -14.66 27.03
N VAL A 197 1.91 -15.18 27.70
CA VAL A 197 2.02 -16.65 27.79
C VAL A 197 0.96 -17.17 28.74
N LYS A 198 0.84 -16.57 29.92
CA LYS A 198 -0.25 -16.91 30.84
C LYS A 198 -1.61 -16.93 30.14
N HIS A 199 -1.95 -15.90 29.37
CA HIS A 199 -3.29 -15.83 28.80
C HIS A 199 -3.45 -16.40 27.39
N ASP A 200 -2.35 -16.86 26.79
CA ASP A 200 -2.31 -17.31 25.39
C ASP A 200 -2.88 -16.25 24.45
N THR A 201 -2.10 -15.18 24.37
CA THR A 201 -2.40 -14.05 23.50
C THR A 201 -1.16 -13.69 22.69
N LEU A 202 -1.36 -12.87 21.68
CA LEU A 202 -0.30 -12.36 20.84
C LEU A 202 0.13 -10.97 21.27
N CYS A 203 1.35 -10.60 20.87
CA CYS A 203 1.87 -9.28 21.07
C CYS A 203 2.24 -8.69 19.72
N ILE A 204 1.71 -7.52 19.41
CA ILE A 204 2.15 -6.80 18.23
C ILE A 204 3.10 -5.73 18.70
N SER A 205 4.34 -5.79 18.24
CA SER A 205 5.38 -4.90 18.73
C SER A 205 5.90 -3.95 17.65
N ASP A 206 5.59 -2.66 17.87
CA ASP A 206 5.90 -1.59 16.93
C ASP A 206 7.20 -0.94 17.35
N GLU A 207 8.27 -1.34 16.66
CA GLU A 207 9.62 -0.99 17.03
C GLU A 207 10.35 -0.19 15.94
N VAL A 208 9.60 0.64 15.24
CA VAL A 208 10.18 1.52 14.23
C VAL A 208 11.31 2.47 14.70
N TYR A 209 11.38 2.75 16.00
CA TYR A 209 12.44 3.61 16.49
C TYR A 209 13.54 2.86 17.19
N GLU A 210 13.62 1.55 16.94
CA GLU A 210 14.66 0.70 17.52
C GLU A 210 16.10 1.28 17.54
N TRP A 211 16.52 1.97 16.48
CA TRP A 211 17.84 2.58 16.43
C TRP A 211 17.95 3.90 17.18
N LEU A 212 16.84 4.61 17.41
CA LEU A 212 16.93 5.87 18.15
C LEU A 212 16.73 5.74 19.62
N VAL A 213 17.66 5.07 20.31
CA VAL A 213 17.65 5.08 21.77
C VAL A 213 18.88 5.86 22.24
N TYR A 214 18.73 6.64 23.32
CA TYR A 214 19.85 7.43 23.80
C TYR A 214 20.60 6.84 24.98
N THR A 215 21.73 7.49 25.27
CA THR A 215 22.63 7.25 26.42
C THR A 215 21.98 6.65 27.68
N GLY A 216 22.53 5.55 28.16
CA GLY A 216 22.00 4.89 29.32
C GLY A 216 20.80 3.98 29.07
N HIS A 217 20.29 3.91 27.83
CA HIS A 217 19.20 2.99 27.51
C HIS A 217 19.53 2.01 26.42
N THR A 218 18.79 0.91 26.35
CA THR A 218 18.96 -0.14 25.34
C THR A 218 17.64 -0.60 24.79
N HIS A 219 17.52 -0.67 23.47
CA HIS A 219 16.38 -1.33 22.84
C HIS A 219 16.41 -2.82 23.08
N VAL A 220 15.38 -3.31 23.77
CA VAL A 220 15.21 -4.71 24.03
C VAL A 220 13.95 -5.17 23.30
N LYS A 221 14.04 -6.28 22.56
CA LYS A 221 12.89 -6.79 21.79
C LYS A 221 12.17 -7.82 22.60
N ILE A 222 10.91 -7.56 22.88
CA ILE A 222 10.09 -8.49 23.66
C ILE A 222 10.07 -9.88 22.98
N ALA A 223 10.10 -9.89 21.64
CA ALA A 223 10.09 -11.14 20.89
C ALA A 223 11.25 -12.06 21.22
N THR A 224 12.33 -11.51 21.80
CA THR A 224 13.49 -12.31 22.19
C THR A 224 13.39 -12.96 23.57
N LEU A 225 12.41 -12.57 24.39
CA LEU A 225 12.22 -13.09 25.74
C LEU A 225 11.64 -14.48 25.68
N PRO A 226 11.84 -15.33 26.74
CA PRO A 226 11.32 -16.73 26.68
C PRO A 226 9.79 -16.87 26.38
N GLY A 227 9.42 -17.73 25.44
CA GLY A 227 8.01 -17.95 25.14
C GLY A 227 7.39 -16.96 24.17
N MET A 228 8.14 -15.95 23.76
CA MET A 228 7.55 -14.87 23.01
C MET A 228 7.73 -14.93 21.50
N TRP A 229 8.78 -15.60 21.04
CA TRP A 229 8.98 -15.75 19.60
C TRP A 229 7.70 -16.30 18.93
N GLU A 230 7.17 -17.41 19.47
CA GLU A 230 5.94 -18.15 19.02
C GLU A 230 4.72 -17.26 18.80
N ARG A 231 4.73 -16.09 19.45
CA ARG A 231 3.53 -15.30 19.64
C ARG A 231 3.67 -13.78 19.41
N THR A 232 4.76 -13.35 18.80
CA THR A 232 5.00 -11.93 18.56
C THR A 232 5.16 -11.61 17.08
N ILE A 233 4.70 -10.42 16.69
CA ILE A 233 4.96 -9.82 15.40
C ILE A 233 5.72 -8.52 15.69
N THR A 234 6.93 -8.38 15.16
CA THR A 234 7.73 -7.21 15.40
C THR A 234 7.96 -6.46 14.10
N ILE A 235 7.64 -5.17 14.14
CA ILE A 235 7.45 -4.28 12.98
C ILE A 235 8.53 -3.21 12.96
N GLY A 236 9.19 -3.05 11.82
CA GLY A 236 10.21 -2.03 11.59
C GLY A 236 9.84 -1.20 10.39
N SER A 237 10.64 -0.16 10.10
CA SER A 237 10.30 0.81 9.08
C SER A 237 11.51 1.47 8.41
N ALA A 238 11.47 1.58 7.08
CA ALA A 238 12.55 2.23 6.30
C ALA A 238 12.64 3.73 6.61
N GLY A 239 11.47 4.37 6.58
CA GLY A 239 11.31 5.79 6.88
C GLY A 239 12.04 6.17 8.13
N THR A 241 14.21 4.10 9.99
CA THR A 241 15.61 3.65 9.94
C THR A 241 16.55 4.62 9.17
N PHE A 242 16.12 5.11 8.01
CA PHE A 242 16.98 5.91 7.13
C PHE A 242 16.53 7.35 6.86
N SER A 243 15.54 7.86 7.61
CA SER A 243 15.10 9.28 7.53
C SER A 243 14.61 9.58 6.11
N VAL A 244 13.75 8.68 5.67
CA VAL A 244 13.33 8.64 4.30
C VAL A 244 11.83 8.26 4.39
N THR A 245 11.07 9.17 5.03
CA THR A 245 9.67 8.90 5.46
C THR A 245 8.76 8.75 4.24
N GLY A 246 9.17 9.33 3.12
CA GLY A 246 8.41 9.28 1.89
C GLY A 246 8.54 8.00 1.08
N TRP A 247 9.30 7.02 1.59
CA TRP A 247 9.49 5.72 0.88
C TRP A 247 8.43 4.69 1.20
N LYS A 248 7.89 4.79 2.42
CA LYS A 248 6.78 3.96 2.85
C LYS A 248 7.03 2.47 2.58
N LEU A 249 8.07 1.94 3.21
CA LEU A 249 8.32 0.51 3.28
C LEU A 249 8.61 0.08 4.72
N GLY A 250 7.98 -1.00 5.14
CA GLY A 250 8.18 -1.52 6.48
C GLY A 250 8.12 -3.01 6.49
N TRP A 251 8.35 -3.62 7.64
CA TRP A 251 8.43 -5.09 7.68
C TRP A 251 7.85 -5.64 8.97
N SER A 252 7.24 -6.81 8.81
CA SER A 252 6.84 -7.67 9.88
C SER A 252 7.77 -8.87 9.96
N ILE A 253 8.23 -9.17 11.18
CA ILE A 253 9.12 -10.27 11.46
C ILE A 253 8.51 -11.06 12.59
N GLY A 254 8.42 -12.37 12.41
CA GLY A 254 7.83 -13.25 13.40
C GLY A 254 7.79 -14.64 12.85
N PRO A 255 7.10 -15.57 13.55
CA PRO A 255 7.07 -16.98 13.11
C PRO A 255 6.13 -17.22 11.92
N ALA A 256 6.40 -18.30 11.19
CA ALA A 256 5.75 -18.61 9.91
C ALA A 256 4.25 -18.77 10.09
N HIS A 257 3.81 -19.39 11.18
CA HIS A 257 2.38 -19.60 11.37
C HIS A 257 1.63 -18.28 11.54
N LEU A 258 2.27 -17.24 12.06
CA LEU A 258 1.61 -15.92 12.12
C LEU A 258 1.82 -15.11 10.83
N ILE A 259 3.05 -15.12 10.30
CA ILE A 259 3.33 -14.36 9.07
C ILE A 259 2.43 -14.79 7.90
N LYS A 260 2.12 -16.08 7.82
CA LYS A 260 1.12 -16.67 6.92
C LYS A 260 -0.05 -15.73 6.75
N HIS A 261 -0.67 -15.44 7.88
CA HIS A 261 -1.92 -14.74 7.95
C HIS A 261 -1.75 -13.28 7.47
N LEU A 262 -0.61 -12.67 7.84
CA LEU A 262 -0.30 -11.31 7.40
C LEU A 262 -0.16 -11.30 5.91
N GLN A 263 0.46 -12.36 5.40
CA GLN A 263 0.78 -12.51 3.98
C GLN A 263 -0.48 -12.56 3.14
N THR A 264 -1.49 -13.24 3.65
CA THR A 264 -2.80 -13.34 3.01
C THR A 264 -3.50 -11.98 2.90
N VAL A 265 -3.37 -11.13 3.90
CA VAL A 265 -3.97 -9.80 3.81
C VAL A 265 -3.31 -8.95 2.70
N GLN A 266 -1.97 -8.97 2.69
CA GLN A 266 -1.17 -8.28 1.69
C GLN A 266 -1.56 -8.70 0.27
N GLN A 267 -1.63 -10.03 0.06
CA GLN A 267 -1.91 -10.66 -1.22
C GLN A 267 -3.23 -10.15 -1.78
N ASN A 268 -4.16 -9.88 -0.85
CA ASN A 268 -5.51 -9.48 -1.19
C ASN A 268 -5.84 -8.01 -0.97
N SER A 269 -4.81 -7.17 -0.84
CA SER A 269 -5.03 -5.72 -0.68
C SER A 269 -4.22 -4.90 -1.70
N PHE A 270 -2.91 -5.07 -1.70
CA PHE A 270 -2.13 -4.36 -2.67
C PHE A 270 -1.10 -5.24 -3.38
N TYR A 271 -0.94 -6.46 -2.89
CA TYR A 271 -0.14 -7.50 -3.56
C TYR A 271 1.37 -7.43 -3.44
N THR A 272 1.96 -6.27 -3.73
CA THR A 272 3.41 -6.13 -3.92
C THR A 272 3.79 -4.68 -3.66
N CYS A 273 5.03 -4.42 -3.27
CA CYS A 273 5.44 -3.04 -3.15
C CYS A 273 6.28 -2.64 -4.32
N ALA A 274 6.72 -1.39 -4.28
CA ALA A 274 7.44 -0.78 -5.37
C ALA A 274 8.80 -1.43 -5.45
N THR A 275 9.28 -1.65 -6.66
CA THR A 275 10.55 -2.33 -6.84
C THR A 275 11.77 -1.42 -6.63
N PRO A 276 11.81 -0.22 -7.25
CA PRO A 276 13.04 0.56 -7.11
C PRO A 276 13.33 0.94 -5.66
N LEU A 277 12.31 1.26 -4.89
CA LEU A 277 12.56 1.66 -3.50
C LEU A 277 13.14 0.50 -2.70
N GLN A 278 12.58 -0.71 -2.91
CA GLN A 278 13.03 -1.93 -2.23
C GLN A 278 14.46 -2.27 -2.65
N ALA A 279 14.71 -2.24 -3.96
CA ALA A 279 16.04 -2.47 -4.51
C ALA A 279 17.05 -1.55 -3.81
N ALA A 280 16.79 -0.25 -3.87
CA ALA A 280 17.63 0.75 -3.25
C ALA A 280 17.82 0.50 -1.75
N LEU A 281 16.72 0.19 -1.05
CA LEU A 281 16.76 0.02 0.39
C LEU A 281 17.69 -1.13 0.77
N ALA A 282 17.62 -2.22 0.02
CA ALA A 282 18.48 -3.38 0.19
C ALA A 282 19.95 -3.00 0.07
N GLU A 283 20.30 -2.15 -0.88
CA GLU A 283 21.68 -1.67 -0.97
C GLU A 283 22.09 -0.86 0.25
N ALA A 284 21.23 0.08 0.63
CA ALA A 284 21.41 0.90 1.83
C ALA A 284 21.59 0.04 3.07
N PHE A 285 20.70 -0.92 3.30
CA PHE A 285 20.89 -1.87 4.40
C PHE A 285 22.26 -2.55 4.32
N TRP A 286 22.67 -3.04 3.13
CA TRP A 286 24.00 -3.66 2.98
C TRP A 286 25.15 -2.75 3.37
N ILE A 287 25.13 -1.51 2.88
CA ILE A 287 26.11 -0.53 3.27
C ILE A 287 26.21 -0.45 4.81
N ASP A 288 25.09 -0.47 5.51
CA ASP A 288 25.15 -0.32 6.96
C ASP A 288 25.33 -1.59 7.77
N ILE A 289 24.83 -2.73 7.25
CA ILE A 289 24.98 -4.04 7.93
C ILE A 289 26.45 -4.37 8.10
N LYS A 290 27.25 -3.98 7.10
CA LYS A 290 28.66 -4.31 7.01
C LYS A 290 29.55 -3.45 7.92
N ARG A 291 29.00 -2.43 8.55
CA ARG A 291 29.80 -1.58 9.40
C ARG A 291 29.15 -1.36 10.75
N MET A 292 28.39 -2.34 11.21
CA MET A 292 27.58 -2.14 12.38
C MET A 292 28.34 -1.74 13.63
N ASP A 293 29.56 -2.24 13.76
CA ASP A 293 30.37 -1.85 14.89
C ASP A 293 31.15 -0.52 14.78
N ASP A 294 30.97 0.25 13.70
CA ASP A 294 31.58 1.62 13.59
C ASP A 294 30.58 2.73 13.91
N PRO A 295 31.10 3.91 14.38
CA PRO A 295 30.24 5.13 14.48
C PRO A 295 29.78 5.67 13.12
N GLU A 296 30.42 5.25 12.04
CA GLU A 296 30.09 5.61 10.65
C GLU A 296 28.73 5.05 10.21
N CYS A 297 28.38 3.90 10.79
CA CYS A 297 27.12 3.23 10.57
C CYS A 297 25.96 4.15 10.94
N TYR A 298 24.95 4.20 10.07
CA TYR A 298 23.83 5.13 10.26
C TYR A 298 23.02 4.84 11.52
N PHE A 299 22.93 3.55 11.88
CA PHE A 299 22.28 3.10 13.12
C PHE A 299 22.94 3.73 14.35
N ASN A 300 24.24 4.00 14.26
CA ASN A 300 24.96 4.68 15.35
C ASN A 300 25.06 6.20 15.20
N SER A 301 25.39 6.68 14.01
CA SER A 301 25.61 8.09 13.86
C SER A 301 24.35 8.95 14.07
N LEU A 302 23.20 8.50 13.58
CA LEU A 302 21.94 9.25 13.74
C LEU A 302 21.51 9.49 15.20
N PRO A 303 21.47 8.45 16.06
CA PRO A 303 21.16 8.81 17.45
C PRO A 303 22.21 9.74 18.14
N LYS A 304 23.49 9.61 17.75
CA LYS A 304 24.53 10.50 18.26
C LYS A 304 24.22 11.94 17.86
N GLU A 305 23.87 12.13 16.59
CA GLU A 305 23.48 13.42 16.06
C GLU A 305 22.21 13.94 16.76
N LEU A 306 21.22 13.06 16.96
CA LEU A 306 19.91 13.47 17.45
C LEU A 306 19.89 13.79 18.94
N GLU A 307 20.74 13.10 19.70
CA GLU A 307 20.85 13.32 21.12
C GLU A 307 21.23 14.76 21.45
N VAL A 308 22.17 15.30 20.67
CA VAL A 308 22.60 16.70 20.79
C VAL A 308 21.39 17.62 20.64
N LYS A 309 20.61 17.37 19.57
CA LYS A 309 19.40 18.15 19.26
C LYS A 309 18.30 17.95 20.28
N ARG A 310 18.20 16.75 20.84
CA ARG A 310 17.28 16.51 21.95
C ARG A 310 17.56 17.50 23.08
N ASP A 311 18.82 17.53 23.54
CA ASP A 311 19.29 18.35 24.66
C ASP A 311 19.15 19.87 24.45
N ARG A 312 19.36 20.28 23.20
CA ARG A 312 19.14 21.64 22.76
C ARG A 312 17.67 22.03 22.88
N MET A 313 16.80 21.11 22.45
CA MET A 313 15.38 21.33 22.55
C MET A 313 14.83 21.37 23.98
N VAL A 314 15.29 20.44 24.83
CA VAL A 314 15.01 20.47 26.24
C VAL A 314 15.30 21.88 26.78
N ARG A 315 16.52 22.37 26.60
CA ARG A 315 16.89 23.70 27.10
C ARG A 315 15.97 24.80 26.59
N LEU A 316 15.75 24.82 25.28
CA LEU A 316 14.89 25.83 24.67
C LEU A 316 13.54 25.80 25.33
N LEU A 317 12.92 24.62 25.40
CA LEU A 317 11.64 24.49 26.10
C LEU A 317 11.68 25.08 27.53
N ASN A 318 12.73 24.72 28.28
CA ASN A 318 12.94 25.16 29.67
C ASN A 318 13.01 26.67 29.78
N SER A 319 13.66 27.26 28.79
CA SER A 319 13.83 28.71 28.70
C SER A 319 12.55 29.52 28.63
N VAL A 320 11.40 28.89 28.40
CA VAL A 320 10.10 29.60 28.50
C VAL A 320 9.21 28.98 29.57
N GLY A 321 9.78 28.13 30.40
CA GLY A 321 9.01 27.40 31.42
C GLY A 321 8.01 26.33 30.94
N LEU A 322 8.13 25.87 29.69
CA LEU A 322 7.43 24.64 29.30
C LEU A 322 8.20 23.56 30.01
N LYS A 323 7.52 22.60 30.63
CA LYS A 323 8.22 21.60 31.43
C LYS A 323 8.44 20.29 30.58
N PRO A 324 9.67 20.10 30.03
CA PRO A 324 9.94 19.00 29.07
C PRO A 324 10.11 17.61 29.68
N ILE A 325 9.62 16.58 28.99
CA ILE A 325 9.88 15.21 29.41
C ILE A 325 11.02 14.76 28.54
N VAL A 326 12.24 14.72 29.06
CA VAL A 326 13.35 14.27 28.20
C VAL A 326 13.17 12.78 27.80
N PRO A 327 13.09 12.51 26.46
CA PRO A 327 12.83 11.16 25.92
C PRO A 327 14.02 10.19 25.99
N ASP A 328 13.79 8.91 26.33
CA ASP A 328 14.86 7.89 26.27
C ASP A 328 15.22 7.51 24.83
N GLY A 329 14.25 7.67 23.92
CA GLY A 329 14.37 7.26 22.54
C GLY A 329 13.40 8.04 21.65
N GLY A 330 13.45 7.75 20.35
CA GLY A 330 12.63 8.42 19.34
C GLY A 330 13.07 9.84 19.08
N TYR A 331 12.28 10.63 18.36
CA TYR A 331 12.67 12.00 18.07
C TYR A 331 11.55 13.00 18.29
N PHE A 332 10.72 12.64 19.27
CA PHE A 332 9.74 13.54 19.86
C PHE A 332 10.08 13.88 21.33
N ILE A 333 9.75 15.11 21.72
CA ILE A 333 9.76 15.51 23.12
C ILE A 333 8.41 16.12 23.50
N ILE A 334 7.86 15.65 24.61
CA ILE A 334 6.60 16.14 25.15
C ILE A 334 6.91 17.17 26.22
N ALA A 335 6.06 18.19 26.33
CA ALA A 335 6.26 19.27 27.27
C ALA A 335 4.93 19.65 27.89
N ASP A 336 4.91 19.72 29.22
CA ASP A 336 3.73 20.16 29.95
C ASP A 336 3.69 21.62 29.77
N VAL A 337 2.50 22.15 29.53
CA VAL A 337 2.33 23.58 29.21
C VAL A 337 1.57 24.38 30.30
N SER A 338 1.06 23.68 31.30
CA SER A 338 0.10 24.27 32.20
C SER A 338 0.71 25.40 33.05
N SER A 339 1.98 25.27 33.40
CA SER A 339 2.62 26.33 34.16
C SER A 339 3.00 27.56 33.31
N LEU A 340 2.51 27.67 32.09
CA LEU A 340 2.65 28.90 31.35
C LEU A 340 1.34 29.68 31.56
N GLY A 341 1.17 30.84 30.93
CA GLY A 341 -0.08 31.62 31.07
C GLY A 341 -1.36 31.06 30.43
N ALA A 342 -2.22 30.42 31.23
CA ALA A 342 -3.55 29.88 30.76
C ALA A 342 -4.45 30.93 30.01
N ASP A 343 -4.33 30.97 28.68
CA ASP A 343 -4.74 32.16 27.88
C ASP A 343 -5.96 31.99 26.95
N LEU A 344 -6.85 31.06 27.28
CA LEU A 344 -7.68 30.46 26.22
C LEU A 344 -9.22 30.43 26.37
N SER A 345 -9.73 31.06 27.44
CA SER A 345 -11.19 31.20 27.70
C SER A 345 -11.95 31.75 26.48
N ASP A 346 -11.33 32.77 25.88
CA ASP A 346 -11.76 33.52 24.69
C ASP A 346 -11.63 32.79 23.32
N MET A 347 -11.16 31.53 23.33
CA MET A 347 -11.05 30.67 22.14
C MET A 347 -12.16 29.62 22.27
N ASN A 348 -13.35 29.99 21.79
CA ASN A 348 -14.61 29.36 22.26
C ASN A 348 -15.07 28.10 21.55
N SER A 349 -15.07 27.00 22.30
CA SER A 349 -15.00 25.63 21.76
C SER A 349 -14.75 24.64 22.92
N ASP A 350 -15.32 23.44 22.79
CA ASP A 350 -15.09 22.32 23.75
C ASP A 350 -13.95 21.33 23.34
N GLU A 351 -13.17 21.68 22.28
CA GLU A 351 -11.83 21.12 21.99
C GLU A 351 -10.90 21.06 23.24
N PRO A 352 -10.11 19.96 23.40
CA PRO A 352 -9.21 19.85 24.57
C PRO A 352 -8.19 20.96 24.66
N TYR A 353 -7.76 21.26 25.88
CA TYR A 353 -6.78 22.33 26.14
C TYR A 353 -5.64 22.39 25.12
N ASP A 354 -4.91 21.28 24.92
CA ASP A 354 -3.75 21.31 24.05
C ASP A 354 -4.00 21.69 22.59
N TYR A 355 -5.11 21.27 21.98
CA TYR A 355 -5.45 21.76 20.62
C TYR A 355 -5.51 23.27 20.64
N LYS A 356 -6.26 23.81 21.62
CA LYS A 356 -6.39 25.24 21.86
C LYS A 356 -5.01 25.88 22.03
N PHE A 357 -4.23 25.40 23.00
CA PHE A 357 -2.89 25.90 23.18
C PHE A 357 -2.03 25.95 21.90
N VAL A 358 -2.03 24.86 21.14
CA VAL A 358 -1.24 24.76 19.93
C VAL A 358 -1.68 25.78 18.88
N LYS A 359 -3.00 25.95 18.73
CA LYS A 359 -3.61 26.97 17.88
C LYS A 359 -3.12 28.38 18.29
N TRP A 360 -3.17 28.67 19.58
CA TRP A 360 -2.70 29.93 20.12
C TRP A 360 -1.23 30.20 19.84
N MET A 361 -0.41 29.18 20.03
CA MET A 361 1.02 29.28 19.84
C MET A 361 1.37 29.48 18.37
N THR A 362 0.54 28.92 17.51
CA THR A 362 0.76 29.08 16.07
C THR A 362 0.42 30.50 15.65
N LYS A 363 -0.78 30.99 16.00
CA LYS A 363 -1.14 32.38 15.74
C LYS A 363 -0.08 33.36 16.32
N HIS A 364 0.13 33.32 17.63
CA HIS A 364 0.86 34.38 18.33
C HIS A 364 2.38 34.27 18.30
N LYS A 365 2.91 33.05 18.40
CA LYS A 365 4.35 32.83 18.58
C LYS A 365 5.05 32.22 17.36
N LYS A 366 4.25 31.86 16.35
CA LYS A 366 4.73 31.35 15.06
C LYS A 366 5.39 29.96 15.06
N LEU A 367 5.05 29.17 16.08
CA LEU A 367 5.53 27.78 16.22
C LEU A 367 4.34 26.83 16.32
N THR A 368 4.37 25.73 15.55
CA THR A 368 3.34 24.66 15.63
C THR A 368 3.90 23.44 16.31
N ALA A 369 3.05 22.74 17.05
CA ALA A 369 3.35 21.41 17.59
C ALA A 369 2.09 20.52 17.61
N ILE A 370 2.20 19.33 18.19
CA ILE A 370 1.07 18.43 18.20
C ILE A 370 0.53 18.27 19.64
N PRO A 371 -0.80 18.38 19.81
CA PRO A 371 -1.45 18.16 21.12
C PRO A 371 -1.44 16.67 21.46
N VAL A 372 -1.04 16.32 22.68
CA VAL A 372 -0.86 14.92 23.03
C VAL A 372 -2.22 14.18 23.07
N SER A 373 -3.30 14.93 23.18
CA SER A 373 -4.60 14.32 23.28
C SER A 373 -5.06 13.74 21.94
N ALA A 374 -4.45 14.19 20.83
CA ALA A 374 -4.56 13.54 19.50
C ALA A 374 -4.17 12.06 19.55
N PHE A 375 -3.41 11.70 20.60
CA PHE A 375 -2.91 10.36 20.82
C PHE A 375 -3.67 9.63 21.94
N CYS A 376 -4.91 10.06 22.22
CA CYS A 376 -5.65 9.50 23.35
C CYS A 376 -7.10 9.15 23.00
N ASP A 377 -7.56 7.98 23.46
CA ASP A 377 -8.98 7.63 23.51
C ASP A 377 -9.73 8.66 24.33
N SER A 378 -10.99 8.87 23.95
CA SER A 378 -11.76 10.00 24.44
C SER A 378 -11.88 10.10 25.98
N LYS A 379 -12.04 8.98 26.66
CA LYS A 379 -12.05 8.97 28.13
C LYS A 379 -10.67 9.35 28.78
N SER A 380 -9.57 9.25 28.04
CA SER A 380 -8.20 9.46 28.56
C SER A 380 -7.70 10.90 28.37
N LYS A 381 -8.32 11.59 27.41
CA LYS A 381 -7.89 12.93 27.01
C LYS A 381 -7.70 13.93 28.17
N PRO A 382 -8.61 13.94 29.18
CA PRO A 382 -8.43 15.00 30.19
C PRO A 382 -7.14 14.81 30.98
N HIS A 383 -6.76 13.56 31.17
CA HIS A 383 -5.53 13.22 31.87
C HIS A 383 -4.24 13.56 31.10
N PHE A 384 -4.38 14.03 29.84
CA PHE A 384 -3.23 14.34 28.96
C PHE A 384 -3.30 15.68 28.21
N GLU A 385 -4.43 16.38 28.33
CA GLU A 385 -4.70 17.61 27.57
C GLU A 385 -3.84 18.85 27.90
N LYS A 386 -2.97 18.75 28.92
CA LYS A 386 -1.99 19.83 29.15
C LYS A 386 -0.61 19.54 28.49
N LEU A 387 -0.53 18.44 27.75
CA LEU A 387 0.72 17.95 27.22
C LEU A 387 0.83 18.26 25.74
N VAL A 388 2.02 18.67 25.28
CA VAL A 388 2.23 19.05 23.87
C VAL A 388 3.55 18.47 23.32
N ARG A 389 3.48 17.93 22.09
CA ARG A 389 4.60 17.18 21.50
C ARG A 389 5.31 17.97 20.42
N PHE A 390 6.63 17.98 20.51
CA PHE A 390 7.49 18.66 19.55
C PHE A 390 8.43 17.64 18.93
N CYS A 391 8.74 17.82 17.65
CA CYS A 391 9.61 16.92 16.91
C CYS A 391 10.92 17.64 16.68
N PHE A 392 12.03 16.91 16.86
CA PHE A 392 13.37 17.50 16.75
C PHE A 392 14.35 16.88 15.73
N ILE A 393 13.85 16.05 14.82
CA ILE A 393 14.72 15.54 13.75
C ILE A 393 14.83 16.66 12.72
N LYS A 394 15.38 17.79 13.16
CA LYS A 394 15.48 18.98 12.33
C LYS A 394 16.94 19.41 12.14
N LYS A 395 17.21 20.14 11.07
CA LYS A 395 18.54 20.66 10.85
C LYS A 395 18.73 21.86 11.79
N ASP A 396 20.01 22.24 12.04
CA ASP A 396 20.35 23.35 12.95
C ASP A 396 19.55 24.60 12.66
N SER A 397 19.42 24.91 11.37
CA SER A 397 18.85 26.18 10.93
C SER A 397 17.40 26.30 11.38
N THR A 398 16.72 25.15 11.40
CA THR A 398 15.33 25.06 11.79
C THR A 398 15.25 25.26 13.28
N LEU A 399 16.19 24.65 14.01
CA LEU A 399 16.22 24.80 15.48
C LEU A 399 16.65 26.22 15.91
N ASP A 400 17.51 26.83 15.09
CA ASP A 400 17.87 28.24 15.20
C ASP A 400 16.62 29.12 15.17
N ALA A 401 15.79 28.95 14.13
CA ALA A 401 14.56 29.71 13.96
C ALA A 401 13.66 29.56 15.20
N ALA A 402 13.66 28.34 15.76
CA ALA A 402 12.92 28.01 16.93
C ALA A 402 13.53 28.75 18.11
N GLU A 403 14.86 28.76 18.15
CA GLU A 403 15.57 29.51 19.19
C GLU A 403 15.25 31.03 19.15
N GLU A 404 15.21 31.60 17.94
CA GLU A 404 14.78 32.98 17.71
C GLU A 404 13.47 33.28 18.43
N ILE A 405 12.51 32.35 18.36
CA ILE A 405 11.16 32.54 18.90
C ILE A 405 11.11 32.46 20.42
N PHE A 406 11.84 31.52 21.00
CA PHE A 406 11.82 31.31 22.45
C PHE A 406 12.57 32.42 23.20
N ARG A 407 13.58 33.01 22.56
CA ARG A 407 14.30 34.18 23.08
C ARG A 407 13.38 35.38 23.21
N ALA A 408 12.57 35.55 22.16
CA ALA A 408 11.63 36.65 22.02
C ALA A 408 10.29 36.38 22.69
N TRP A 409 10.12 35.20 23.27
CA TRP A 409 8.85 34.75 23.81
C TRP A 409 8.29 35.68 24.91
N ASN A 410 9.18 36.17 25.77
CA ASN A 410 8.84 37.27 26.69
C ASN A 410 9.83 38.41 26.64
N ASN B 1 -5.59 -17.45 12.09
CA ASN B 1 -6.12 -16.57 11.00
C ASN B 1 -7.52 -15.99 11.29
N ALA B 2 -7.71 -14.71 10.93
CA ALA B 2 -8.99 -14.03 11.14
C ALA B 2 -9.99 -14.63 10.15
N LYS B 3 -11.23 -14.77 10.59
CA LYS B 3 -12.28 -15.40 9.77
C LYS B 3 -12.40 -14.78 8.37
N ARG B 4 -12.20 -13.45 8.30
CA ARG B 4 -12.26 -12.67 7.05
C ARG B 4 -11.35 -13.18 5.91
N ILE B 5 -10.30 -13.93 6.28
CA ILE B 5 -9.29 -14.40 5.32
C ILE B 5 -9.36 -15.91 5.03
N GLU B 6 -10.41 -16.58 5.52
CA GLU B 6 -10.55 -18.05 5.41
C GLU B 6 -10.60 -18.53 3.96
N GLY B 7 -9.63 -19.39 3.62
CA GLY B 7 -9.52 -19.97 2.30
C GLY B 7 -9.30 -18.97 1.19
N LEU B 8 -8.62 -17.86 1.49
CA LEU B 8 -8.16 -16.88 0.48
C LEU B 8 -6.63 -16.82 0.35
N ASP B 9 -5.96 -17.89 0.78
CA ASP B 9 -4.51 -17.92 0.84
C ASP B 9 -3.83 -18.63 -0.34
N SER B 10 -4.61 -19.34 -1.15
CA SER B 10 -4.08 -19.93 -2.40
C SER B 10 -3.45 -18.86 -3.29
N ASN B 11 -2.20 -19.05 -3.67
CA ASN B 11 -1.70 -18.43 -4.87
C ASN B 11 -1.12 -19.50 -5.78
N VAL B 12 -1.99 -20.01 -6.65
CA VAL B 12 -1.60 -20.94 -7.69
C VAL B 12 -0.60 -20.26 -8.67
N TRP B 13 -0.52 -18.93 -8.57
CA TRP B 13 0.47 -18.09 -9.27
C TRP B 13 1.93 -18.19 -8.79
N VAL B 14 2.15 -18.94 -7.70
CA VAL B 14 3.50 -19.31 -7.27
C VAL B 14 4.04 -20.54 -8.05
N GLU B 15 3.16 -21.49 -8.42
CA GLU B 15 3.50 -22.61 -9.35
C GLU B 15 3.90 -22.11 -10.73
N PHE B 16 3.28 -21.00 -11.15
CA PHE B 16 3.52 -20.39 -12.45
C PHE B 16 4.89 -19.69 -12.50
N THR B 17 5.28 -19.04 -11.41
CA THR B 17 6.62 -18.45 -11.32
C THR B 17 7.70 -19.56 -11.17
N LYS B 18 7.30 -20.72 -10.62
CA LYS B 18 8.15 -21.96 -10.59
C LYS B 18 8.43 -22.57 -11.96
N LEU B 19 7.40 -22.63 -12.82
CA LEU B 19 7.54 -22.97 -14.24
C LEU B 19 8.37 -21.96 -15.05
N ALA B 20 8.49 -20.73 -14.52
CA ALA B 20 9.28 -19.66 -15.13
C ALA B 20 10.78 -19.72 -14.79
N ALA B 21 11.16 -20.51 -13.76
CA ALA B 21 12.58 -20.82 -13.41
C ALA B 21 13.28 -21.48 -14.60
N ASP B 22 13.82 -20.63 -15.47
CA ASP B 22 14.05 -20.98 -16.86
C ASP B 22 15.25 -21.91 -17.08
N PRO B 23 14.96 -23.17 -17.46
CA PRO B 23 16.04 -23.88 -18.18
C PRO B 23 16.19 -23.33 -19.64
N SER B 24 16.40 -22.01 -19.80
CA SER B 24 16.37 -21.30 -21.10
C SER B 24 14.95 -21.29 -21.72
N VAL B 25 14.03 -20.62 -21.02
CA VAL B 25 12.59 -20.58 -21.37
C VAL B 25 12.14 -19.14 -21.67
N VAL B 26 11.55 -18.93 -22.85
CA VAL B 26 10.97 -17.62 -23.22
C VAL B 26 9.65 -17.43 -22.47
N ASN B 27 9.63 -16.49 -21.51
CA ASN B 27 8.48 -16.29 -20.60
C ASN B 27 7.48 -15.33 -21.19
N LEU B 28 6.38 -15.91 -21.68
CA LEU B 28 5.28 -15.15 -22.25
C LEU B 28 4.06 -15.18 -21.35
N GLY B 29 4.29 -15.51 -20.08
CA GLY B 29 3.24 -15.68 -19.07
C GLY B 29 2.66 -14.41 -18.46
N GLN B 30 3.26 -13.97 -17.34
CA GLN B 30 2.77 -12.80 -16.56
C GLN B 30 2.97 -11.49 -17.30
N GLY B 31 2.10 -10.54 -16.96
CA GLY B 31 2.12 -9.17 -17.46
C GLY B 31 3.31 -8.45 -16.88
N PHE B 32 4.43 -8.60 -17.56
CA PHE B 32 5.70 -8.13 -17.10
C PHE B 32 6.29 -7.60 -18.41
N PRO B 33 6.22 -6.26 -18.61
CA PRO B 33 6.90 -5.65 -19.75
C PRO B 33 8.38 -5.94 -19.62
N ASP B 34 9.03 -6.29 -20.73
CA ASP B 34 10.49 -6.27 -20.76
C ASP B 34 11.03 -5.28 -21.82
N ILE B 35 10.13 -4.46 -22.37
CA ILE B 35 10.57 -3.23 -23.03
C ILE B 35 11.09 -2.25 -21.97
N SER B 36 11.94 -1.31 -22.37
CA SER B 36 12.37 -0.27 -21.45
C SER B 36 11.22 0.68 -21.15
N PRO B 37 11.20 1.25 -19.92
CA PRO B 37 10.25 2.34 -19.72
C PRO B 37 10.71 3.57 -20.52
N PRO B 38 9.77 4.49 -20.84
CA PRO B 38 10.20 5.74 -21.46
C PRO B 38 11.37 6.36 -20.68
N SER B 39 12.40 6.81 -21.40
CA SER B 39 13.64 7.29 -20.79
C SER B 39 13.39 8.37 -19.69
N TYR B 40 12.48 9.29 -19.97
CA TYR B 40 12.16 10.38 -19.06
C TYR B 40 11.38 9.99 -17.79
N VAL B 41 10.75 8.81 -17.81
CA VAL B 41 10.11 8.26 -16.59
C VAL B 41 11.20 7.91 -15.59
N LYS B 42 12.18 7.13 -16.08
CA LYS B 42 13.43 6.84 -15.39
C LYS B 42 14.20 8.09 -14.94
N GLU B 43 14.37 9.07 -15.84
CA GLU B 43 15.09 10.30 -15.54
C GLU B 43 14.48 10.99 -14.33
N GLU B 44 13.16 11.23 -14.38
CA GLU B 44 12.43 11.93 -13.33
C GLU B 44 12.48 11.26 -11.95
N LEU B 45 12.45 9.93 -11.92
CA LEU B 45 12.69 9.19 -10.66
C LEU B 45 14.06 9.51 -10.02
N SER B 46 15.10 9.59 -10.84
CA SER B 46 16.46 9.96 -10.43
C SER B 46 16.52 11.40 -9.92
N LYS B 47 16.02 12.35 -10.71
CA LYS B 47 15.94 13.74 -10.26
C LYS B 47 15.26 13.86 -8.90
N ALA B 48 14.12 13.19 -8.72
CA ALA B 48 13.37 13.19 -7.46
C ALA B 48 14.17 12.66 -6.26
N ALA B 49 14.85 11.54 -6.45
CA ALA B 49 15.75 10.95 -5.47
C ALA B 49 16.73 11.99 -4.85
N PHE B 50 17.19 12.96 -5.65
CA PHE B 50 18.17 13.92 -5.14
C PHE B 50 17.54 15.10 -4.39
N ILE B 51 16.23 15.26 -4.45
CA ILE B 51 15.54 16.32 -3.66
C ILE B 51 15.12 15.80 -2.27
N ASP B 52 15.62 16.44 -1.21
CA ASP B 52 15.37 15.98 0.15
C ASP B 52 13.90 15.89 0.44
N ASN B 53 13.13 16.94 0.16
CA ASN B 53 11.67 16.93 0.36
C ASN B 53 10.93 15.81 -0.36
N MET B 54 11.48 15.43 -1.50
CA MET B 54 10.88 14.38 -2.29
C MET B 54 11.07 12.98 -1.68
N ASN B 55 11.82 12.91 -0.58
CA ASN B 55 12.04 11.66 0.14
C ASN B 55 11.34 11.61 1.49
N GLN B 56 10.46 12.59 1.72
CA GLN B 56 9.75 12.69 3.00
C GLN B 56 8.25 12.68 2.73
N TYR B 57 7.45 12.49 3.78
CA TYR B 57 5.98 12.31 3.66
C TYR B 57 5.29 13.38 2.81
N THR B 58 4.27 12.97 2.06
CA THR B 58 3.46 13.87 1.23
C THR B 58 1.99 13.79 1.65
N ARG B 59 1.12 14.59 1.01
CA ARG B 59 -0.33 14.50 1.24
C ARG B 59 -0.79 13.03 1.16
N GLY B 60 -1.46 12.58 2.21
CA GLY B 60 -1.93 11.22 2.35
C GLY B 60 -2.81 10.70 1.24
N PHE B 61 -3.66 11.55 0.66
CA PHE B 61 -4.56 11.09 -0.39
C PHE B 61 -3.99 11.20 -1.81
N GLY B 62 -2.77 11.72 -1.88
CA GLY B 62 -2.03 11.78 -3.14
C GLY B 62 -1.26 13.08 -3.14
N HIS B 63 0.03 12.96 -3.48
CA HIS B 63 0.95 14.06 -3.74
C HIS B 63 0.25 15.16 -4.53
N PRO B 64 0.26 16.40 -4.00
CA PRO B 64 -0.32 17.57 -4.65
C PRO B 64 -0.01 17.65 -6.14
N ALA B 65 1.26 17.67 -6.52
CA ALA B 65 1.63 17.73 -7.95
C ALA B 65 0.89 16.66 -8.81
N LEU B 66 0.76 15.45 -8.26
CA LEU B 66 0.20 14.30 -8.96
C LEU B 66 -1.33 14.40 -9.12
N VAL B 67 -2.03 14.70 -8.04
CA VAL B 67 -3.47 14.83 -8.13
C VAL B 67 -3.83 15.96 -9.10
N LYS B 68 -3.03 17.03 -9.14
CA LYS B 68 -3.22 18.13 -10.09
C LYS B 68 -3.10 17.70 -11.56
N ALA B 69 -2.05 16.97 -11.90
CA ALA B 69 -1.85 16.36 -13.20
C ALA B 69 -3.00 15.41 -13.60
N LEU B 70 -3.33 14.46 -12.73
CA LEU B 70 -4.48 13.59 -12.94
C LEU B 70 -5.76 14.38 -13.22
N SER B 71 -5.98 15.42 -12.43
CA SER B 71 -7.11 16.30 -12.60
C SER B 71 -7.14 16.95 -14.00
N CYS B 72 -6.01 17.50 -14.44
CA CYS B 72 -5.93 18.15 -15.73
C CYS B 72 -6.07 17.16 -16.91
N LEU B 73 -5.42 16.01 -16.79
CA LEU B 73 -5.55 14.94 -17.79
C LEU B 73 -6.99 14.42 -17.89
N TYR B 74 -7.57 14.07 -16.77
CA TYR B 74 -8.83 13.38 -16.84
C TYR B 74 -9.99 14.33 -17.07
N GLY B 75 -9.86 15.56 -16.60
CA GLY B 75 -10.76 16.64 -16.91
C GLY B 75 -10.89 16.83 -18.39
N LYS B 76 -9.76 16.80 -19.12
CA LYS B 76 -9.76 16.82 -20.59
C LYS B 76 -10.57 15.64 -21.19
N ILE B 77 -10.47 14.47 -20.56
CA ILE B 77 -11.17 13.26 -20.97
C ILE B 77 -12.64 13.25 -20.56
N TYR B 78 -12.96 13.59 -19.31
CA TYR B 78 -14.33 13.50 -18.82
C TYR B 78 -15.20 14.62 -19.31
N GLN B 79 -14.53 15.67 -19.80
CA GLN B 79 -15.14 16.93 -20.18
C GLN B 79 -15.61 17.70 -18.95
N ARG B 80 -14.87 17.64 -17.85
CA ARG B 80 -15.32 18.28 -16.63
C ARG B 80 -14.21 18.74 -15.71
N GLN B 81 -14.57 19.67 -14.81
CA GLN B 81 -13.72 20.12 -13.72
C GLN B 81 -13.71 19.01 -12.69
N ILE B 82 -12.57 18.35 -12.58
CA ILE B 82 -12.39 17.32 -11.56
C ILE B 82 -11.56 17.89 -10.39
N ASP B 83 -12.10 17.73 -9.19
CA ASP B 83 -11.46 18.26 -8.00
C ASP B 83 -10.27 17.41 -7.56
N PRO B 84 -9.04 17.97 -7.56
CA PRO B 84 -7.86 17.11 -7.33
C PRO B 84 -7.80 16.52 -5.91
N ASN B 85 -8.39 17.24 -4.95
CA ASN B 85 -8.39 16.77 -3.56
C ASN B 85 -9.57 15.88 -3.21
N GLU B 86 -10.74 16.16 -3.76
CA GLU B 86 -11.97 15.49 -3.30
C GLU B 86 -12.49 14.38 -4.22
N GLU B 87 -12.03 14.39 -5.46
CA GLU B 87 -12.55 13.46 -6.47
C GLU B 87 -11.52 12.47 -6.98
N ILE B 88 -10.30 12.56 -6.46
CA ILE B 88 -9.19 11.65 -6.81
C ILE B 88 -8.68 11.05 -5.51
N LEU B 89 -8.25 9.79 -5.56
CA LEU B 89 -7.46 9.16 -4.51
C LEU B 89 -6.35 8.32 -5.12
N VAL B 90 -5.13 8.58 -4.69
CA VAL B 90 -3.98 7.86 -5.17
C VAL B 90 -3.74 6.70 -4.19
N ALA B 91 -3.52 5.49 -4.74
CA ALA B 91 -3.39 4.27 -3.96
C ALA B 91 -2.23 3.39 -4.47
N VAL B 92 -1.93 2.34 -3.70
CA VAL B 92 -0.88 1.36 -4.05
C VAL B 92 -1.36 0.49 -5.18
N GLY B 93 -1.02 0.97 -6.38
CA GLY B 93 -1.46 0.42 -7.64
C GLY B 93 -2.93 0.59 -7.83
N ALA B 94 -3.39 0.16 -9.00
CA ALA B 94 -4.81 -0.05 -9.23
C ALA B 94 -5.29 -1.17 -8.33
N TYR B 95 -4.41 -2.11 -8.05
CA TYR B 95 -4.71 -3.19 -7.13
C TYR B 95 -5.23 -2.63 -5.80
N GLY B 96 -4.49 -1.66 -5.21
CA GLY B 96 -4.92 -0.96 -4.00
C GLY B 96 -6.20 -0.13 -4.10
N SER B 97 -6.41 0.46 -5.27
CA SER B 97 -7.62 1.20 -5.59
C SER B 97 -8.89 0.32 -5.51
N LEU B 98 -8.85 -0.83 -6.19
CA LEU B 98 -9.90 -1.85 -6.12
C LEU B 98 -10.21 -2.24 -4.68
N PHE B 99 -9.15 -2.47 -3.91
CA PHE B 99 -9.27 -2.81 -2.52
C PHE B 99 -9.94 -1.67 -1.75
N ASN B 100 -9.49 -0.43 -2.00
CA ASN B 100 -10.13 0.76 -1.42
C ASN B 100 -11.64 0.85 -1.70
N SER B 101 -11.98 0.53 -2.94
CA SER B 101 -13.34 0.53 -3.42
C SER B 101 -14.21 -0.50 -2.70
N ILE B 102 -13.77 -1.75 -2.68
CA ILE B 102 -14.55 -2.81 -2.06
C ILE B 102 -14.67 -2.67 -0.54
N GLN B 103 -13.55 -2.45 0.15
CA GLN B 103 -13.59 -2.23 1.59
C GLN B 103 -14.36 -0.97 2.00
N GLY B 104 -14.40 0.01 1.12
CA GLY B 104 -15.04 1.27 1.44
C GLY B 104 -16.52 1.29 1.24
N LEU B 105 -17.01 0.49 0.29
CA LEU B 105 -18.38 0.59 -0.19
C LEU B 105 -19.23 -0.70 -0.12
N VAL B 106 -18.59 -1.82 0.18
CA VAL B 106 -19.27 -3.11 0.14
C VAL B 106 -19.35 -3.72 1.54
N ASP B 107 -20.57 -4.10 1.96
CA ASP B 107 -20.83 -4.72 3.26
C ASP B 107 -21.05 -6.24 3.21
N PRO B 108 -20.90 -6.94 4.37
CA PRO B 108 -21.23 -8.37 4.42
C PRO B 108 -22.64 -8.59 3.88
N GLY B 109 -22.79 -9.59 3.04
CA GLY B 109 -24.09 -9.92 2.48
C GLY B 109 -24.47 -9.17 1.23
N ASP B 110 -23.76 -8.10 0.89
CA ASP B 110 -23.92 -7.47 -0.41
C ASP B 110 -23.53 -8.43 -1.53
N GLU B 111 -24.24 -8.29 -2.65
CA GLU B 111 -23.92 -9.01 -3.88
C GLU B 111 -23.11 -8.11 -4.81
N VAL B 112 -21.97 -8.61 -5.28
CA VAL B 112 -21.19 -7.90 -6.30
C VAL B 112 -21.08 -8.73 -7.57
N ILE B 113 -21.50 -8.14 -8.70
CA ILE B 113 -21.46 -8.80 -10.01
C ILE B 113 -20.09 -8.72 -10.71
N ILE B 114 -19.59 -9.88 -11.12
CA ILE B 114 -18.32 -10.00 -11.79
C ILE B 114 -18.49 -10.73 -13.12
N MET B 115 -17.73 -10.29 -14.12
CA MET B 115 -17.71 -10.91 -15.43
C MET B 115 -16.54 -11.85 -15.64
N VAL B 116 -16.86 -13.05 -16.10
CA VAL B 116 -15.85 -14.08 -16.27
C VAL B 116 -15.46 -14.24 -17.76
N PRO B 117 -14.18 -14.53 -18.05
CA PRO B 117 -13.06 -14.47 -17.09
C PRO B 117 -12.84 -13.06 -16.51
N PHE B 118 -12.22 -12.98 -15.33
CA PHE B 118 -11.96 -11.72 -14.60
C PHE B 118 -10.55 -11.69 -14.03
N TYR B 119 -10.01 -10.48 -13.90
CA TYR B 119 -8.75 -10.25 -13.24
C TYR B 119 -8.91 -10.84 -11.88
N ASP B 120 -7.97 -11.66 -11.48
CA ASP B 120 -8.33 -12.69 -10.52
C ASP B 120 -8.50 -12.20 -9.09
N CYS B 121 -7.99 -11.00 -8.76
CA CYS B 121 -8.20 -10.41 -7.43
C CYS B 121 -9.65 -10.01 -7.12
N TYR B 122 -10.49 -9.87 -8.15
CA TYR B 122 -11.88 -9.42 -7.94
C TYR B 122 -12.60 -10.35 -6.97
N GLU B 123 -12.56 -11.67 -7.22
CA GLU B 123 -13.29 -12.61 -6.36
C GLU B 123 -12.85 -12.58 -4.91
N PRO B 124 -11.55 -12.78 -4.63
CA PRO B 124 -11.20 -12.77 -3.19
C PRO B 124 -11.41 -11.40 -2.48
N MET B 125 -11.14 -10.28 -3.17
CA MET B 125 -11.52 -8.99 -2.59
C MET B 125 -13.02 -8.94 -2.17
N VAL B 126 -13.93 -9.35 -3.06
CA VAL B 126 -15.36 -9.36 -2.76
C VAL B 126 -15.58 -10.22 -1.52
N ARG B 127 -15.12 -11.48 -1.58
CA ARG B 127 -15.21 -12.42 -0.46
C ARG B 127 -14.64 -11.92 0.86
N MET B 128 -13.48 -11.26 0.82
CA MET B 128 -12.89 -10.70 2.03
C MET B 128 -13.72 -9.62 2.69
N ALA B 129 -14.44 -8.83 1.91
CA ALA B 129 -15.47 -7.90 2.47
C ALA B 129 -16.76 -8.60 2.94
N GLY B 130 -16.80 -9.94 2.89
CA GLY B 130 -17.94 -10.75 3.29
C GLY B 130 -19.15 -10.69 2.35
N ALA B 131 -18.95 -10.15 1.15
CA ALA B 131 -20.01 -10.08 0.17
C ALA B 131 -20.09 -11.36 -0.69
N VAL B 132 -21.14 -11.46 -1.50
CA VAL B 132 -21.24 -12.61 -2.37
C VAL B 132 -21.06 -12.27 -3.83
N PRO B 133 -20.03 -12.88 -4.45
CA PRO B 133 -19.76 -12.68 -5.86
C PRO B 133 -20.85 -13.35 -6.68
N VAL B 134 -21.34 -12.62 -7.65
CA VAL B 134 -22.33 -13.12 -8.60
C VAL B 134 -21.69 -13.07 -10.00
N PHE B 135 -21.51 -14.23 -10.62
CA PHE B 135 -20.71 -14.33 -11.86
C PHE B 135 -21.59 -14.41 -13.08
N ILE B 136 -21.25 -13.67 -14.11
CA ILE B 136 -21.86 -13.86 -15.40
C ILE B 136 -20.76 -14.04 -16.44
N PRO B 137 -20.86 -15.09 -17.30
CA PRO B 137 -19.77 -15.32 -18.29
C PRO B 137 -19.90 -14.43 -19.52
N LEU B 138 -18.77 -14.02 -20.09
CA LEU B 138 -18.81 -13.61 -21.49
C LEU B 138 -19.00 -14.83 -22.46
N ARG B 139 -19.69 -14.59 -23.58
CA ARG B 139 -20.06 -15.63 -24.52
C ARG B 139 -19.71 -15.19 -25.92
N SER B 140 -19.42 -16.17 -26.78
CA SER B 140 -19.02 -15.90 -28.18
C SER B 140 -20.20 -15.71 -29.11
N LYS B 141 -20.09 -14.75 -30.01
CA LYS B 141 -20.99 -14.57 -31.13
C LYS B 141 -20.38 -15.29 -32.32
N PRO B 142 -21.17 -15.51 -33.38
CA PRO B 142 -20.54 -15.95 -34.64
C PRO B 142 -19.55 -14.93 -35.16
N THR B 143 -18.44 -15.47 -35.61
CA THR B 143 -17.36 -14.73 -36.15
C THR B 143 -17.78 -14.16 -37.52
N ASP B 144 -17.09 -13.14 -38.00
CA ASP B 144 -17.29 -12.66 -39.38
C ASP B 144 -16.68 -13.59 -40.49
N GLY B 145 -16.35 -14.84 -40.16
CA GLY B 145 -15.82 -15.77 -41.13
C GLY B 145 -14.33 -15.62 -41.22
N MET B 146 -13.85 -14.38 -41.35
CA MET B 146 -12.42 -14.08 -41.55
C MET B 146 -11.46 -14.36 -40.37
N LYS B 147 -11.78 -13.85 -39.18
CA LYS B 147 -10.88 -13.95 -38.02
C LYS B 147 -11.61 -13.91 -36.68
N TRP B 148 -11.04 -14.54 -35.66
CA TRP B 148 -11.54 -14.40 -34.28
C TRP B 148 -11.02 -13.08 -33.60
N THR B 149 -11.94 -12.28 -33.07
CA THR B 149 -11.53 -11.07 -32.32
C THR B 149 -12.22 -10.99 -30.96
N SER B 150 -11.62 -10.26 -30.01
CA SER B 150 -12.22 -9.92 -28.72
C SER B 150 -13.68 -9.42 -28.83
N SER B 151 -13.98 -8.73 -29.92
CA SER B 151 -15.34 -8.22 -30.15
C SER B 151 -16.34 -9.29 -30.52
N ASP B 152 -15.88 -10.53 -30.70
CA ASP B 152 -16.79 -11.66 -30.85
C ASP B 152 -17.24 -12.28 -29.53
N TRP B 153 -16.84 -11.64 -28.44
CA TRP B 153 -17.22 -12.03 -27.13
C TRP B 153 -18.12 -10.94 -26.61
N THR B 154 -19.23 -11.29 -25.99
CA THR B 154 -20.15 -10.28 -25.48
C THR B 154 -20.92 -10.79 -24.26
N PHE B 155 -21.83 -9.97 -23.72
CA PHE B 155 -22.74 -10.51 -22.71
C PHE B 155 -24.16 -10.47 -23.18
N ASP B 156 -25.00 -11.29 -22.57
CA ASP B 156 -26.39 -11.36 -22.89
C ASP B 156 -27.17 -10.36 -21.98
N PRO B 157 -27.73 -9.27 -22.54
CA PRO B 157 -28.40 -8.22 -21.72
C PRO B 157 -29.44 -8.79 -20.75
N ARG B 158 -30.20 -9.78 -21.21
CA ARG B 158 -31.20 -10.45 -20.41
C ARG B 158 -30.59 -11.28 -19.29
N GLU B 159 -29.51 -12.00 -19.57
CA GLU B 159 -28.81 -12.73 -18.52
C GLU B 159 -28.28 -11.78 -17.40
N LEU B 160 -27.68 -10.66 -17.82
CA LEU B 160 -27.15 -9.62 -16.92
C LEU B 160 -28.21 -9.02 -16.04
N GLU B 161 -29.34 -8.65 -16.64
CA GLU B 161 -30.44 -8.14 -15.88
C GLU B 161 -30.83 -9.15 -14.82
N SER B 162 -30.81 -10.44 -15.15
CA SER B 162 -31.29 -11.42 -14.20
C SER B 162 -30.38 -11.54 -12.99
N LYS B 163 -29.16 -11.04 -13.08
CA LYS B 163 -28.23 -11.07 -11.95
C LYS B 163 -28.41 -9.90 -11.00
N PHE B 164 -29.24 -8.92 -11.39
CA PHE B 164 -29.52 -7.76 -10.54
C PHE B 164 -30.71 -8.05 -9.66
N SER B 165 -30.64 -7.60 -8.41
CA SER B 165 -31.69 -7.77 -7.40
C SER B 165 -31.41 -6.69 -6.38
N SER B 166 -32.11 -6.74 -5.27
CA SER B 166 -31.94 -5.69 -4.31
C SER B 166 -30.78 -5.96 -3.40
N LYS B 167 -30.06 -7.08 -3.59
CA LYS B 167 -28.88 -7.38 -2.77
C LYS B 167 -27.60 -6.90 -3.45
N THR B 168 -27.72 -6.60 -4.75
CA THR B 168 -26.62 -6.10 -5.57
C THR B 168 -26.15 -4.70 -5.16
N LYS B 169 -24.90 -4.59 -4.75
CA LYS B 169 -24.33 -3.30 -4.36
C LYS B 169 -23.61 -2.68 -5.54
N ALA B 170 -22.87 -3.51 -6.29
CA ALA B 170 -22.00 -3.06 -7.35
C ALA B 170 -21.79 -4.12 -8.43
N ILE B 171 -21.28 -3.67 -9.58
CA ILE B 171 -20.79 -4.49 -10.66
C ILE B 171 -19.34 -4.06 -10.95
N ILE B 172 -18.42 -5.03 -11.07
CA ILE B 172 -17.04 -4.73 -11.45
C ILE B 172 -16.91 -4.92 -12.95
N LEU B 173 -16.52 -3.82 -13.61
CA LEU B 173 -16.33 -3.78 -15.07
C LEU B 173 -14.88 -3.52 -15.39
N ASN B 174 -14.33 -4.32 -16.30
CA ASN B 174 -12.94 -4.15 -16.65
C ASN B 174 -12.73 -3.99 -18.17
N THR B 175 -12.45 -2.76 -18.61
CA THR B 175 -12.24 -2.46 -20.01
C THR B 175 -11.13 -1.43 -20.25
N PRO B 176 -10.18 -1.71 -21.16
CA PRO B 176 -10.06 -2.97 -21.91
C PRO B 176 -9.83 -4.14 -20.99
N HIS B 177 -10.38 -5.27 -21.39
CA HIS B 177 -10.43 -6.46 -20.57
C HIS B 177 -9.13 -7.28 -20.52
N ASN B 178 -8.88 -7.80 -19.33
CA ASN B 178 -7.80 -8.74 -19.08
C ASN B 178 -8.51 -9.97 -18.49
N PRO B 179 -8.29 -11.19 -19.00
CA PRO B 179 -7.33 -11.57 -20.05
C PRO B 179 -7.72 -11.46 -21.55
N LEU B 180 -8.94 -11.03 -21.88
CA LEU B 180 -9.46 -11.23 -23.23
C LEU B 180 -9.11 -10.19 -24.31
N GLY B 181 -8.86 -8.93 -23.88
CA GLY B 181 -8.53 -7.87 -24.81
C GLY B 181 -9.71 -7.07 -25.34
N LYS B 182 -10.90 -7.39 -24.83
CA LYS B 182 -12.15 -6.78 -25.26
C LYS B 182 -12.22 -5.30 -24.86
N VAL B 183 -12.39 -4.44 -25.86
CA VAL B 183 -12.74 -3.03 -25.64
C VAL B 183 -14.27 -2.96 -25.74
N TYR B 184 -14.94 -2.78 -24.58
CA TYR B 184 -16.40 -2.72 -24.51
C TYR B 184 -16.96 -1.58 -25.32
N THR B 185 -18.03 -1.89 -26.06
CA THR B 185 -18.70 -0.94 -26.94
C THR B 185 -19.58 0.00 -26.12
N ARG B 186 -19.92 1.15 -26.71
CA ARG B 186 -20.86 2.09 -26.09
C ARG B 186 -22.21 1.45 -25.81
N GLN B 187 -22.61 0.54 -26.70
CA GLN B 187 -23.88 -0.18 -26.63
C GLN B 187 -23.88 -1.14 -25.43
N GLU B 188 -22.79 -1.88 -25.29
CA GLU B 188 -22.56 -2.69 -24.11
C GLU B 188 -22.53 -1.88 -22.85
N LEU B 189 -21.76 -0.79 -22.82
CA LEU B 189 -21.67 0.07 -21.63
C LEU B 189 -23.00 0.66 -21.22
N GLN B 190 -23.81 1.06 -22.23
CA GLN B 190 -25.22 1.52 -22.04
C GLN B 190 -26.18 0.55 -21.27
N VAL B 191 -26.05 -0.75 -21.56
CA VAL B 191 -26.79 -1.79 -20.84
C VAL B 191 -26.45 -1.83 -19.35
N ILE B 192 -25.15 -1.78 -19.02
CA ILE B 192 -24.67 -1.71 -17.62
C ILE B 192 -25.23 -0.47 -16.87
N ALA B 193 -25.01 0.72 -17.45
CA ALA B 193 -25.56 1.98 -16.96
C ALA B 193 -27.07 1.91 -16.71
N ASP B 194 -27.84 1.40 -17.67
CA ASP B 194 -29.25 1.21 -17.47
C ASP B 194 -29.57 0.42 -16.20
N LEU B 195 -28.90 -0.71 -16.01
CA LEU B 195 -29.17 -1.54 -14.86
C LEU B 195 -28.70 -0.91 -13.54
N CYS B 196 -27.52 -0.29 -13.54
CA CYS B 196 -27.04 0.48 -12.36
C CYS B 196 -27.94 1.62 -11.92
N VAL B 197 -28.51 2.32 -12.89
CA VAL B 197 -29.45 3.41 -12.65
C VAL B 197 -30.81 2.88 -12.13
N LYS B 198 -31.39 1.92 -12.84
CA LYS B 198 -32.65 1.30 -12.44
C LYS B 198 -32.61 0.69 -11.02
N HIS B 199 -31.47 0.10 -10.66
CA HIS B 199 -31.31 -0.64 -9.40
C HIS B 199 -30.57 0.13 -8.30
N ASP B 200 -30.14 1.35 -8.64
CA ASP B 200 -29.35 2.21 -7.74
C ASP B 200 -28.11 1.47 -7.16
N THR B 201 -27.33 0.90 -8.05
CA THR B 201 -26.13 0.19 -7.69
C THR B 201 -24.91 1.04 -8.12
N LEU B 202 -23.76 0.68 -7.56
CA LEU B 202 -22.45 1.21 -7.95
C LEU B 202 -21.84 0.47 -9.16
N CYS B 203 -20.96 1.15 -9.87
CA CYS B 203 -20.11 0.52 -10.83
C CYS B 203 -18.66 0.84 -10.45
N ILE B 204 -17.83 -0.20 -10.34
CA ILE B 204 -16.37 -0.03 -10.18
C ILE B 204 -15.70 -0.38 -11.51
N SER B 205 -15.14 0.64 -12.16
CA SER B 205 -14.65 0.48 -13.48
C SER B 205 -13.14 0.47 -13.52
N ASP B 206 -12.60 -0.71 -13.78
CA ASP B 206 -11.17 -0.94 -13.86
C ASP B 206 -10.67 -0.71 -15.30
N GLU B 207 -10.05 0.44 -15.50
CA GLU B 207 -9.64 0.88 -16.80
C GLU B 207 -8.14 1.10 -16.96
N VAL B 208 -7.35 0.19 -16.39
CA VAL B 208 -5.89 0.35 -16.41
C VAL B 208 -5.25 0.38 -17.80
N TYR B 209 -5.91 -0.27 -18.78
CA TYR B 209 -5.38 -0.44 -20.14
C TYR B 209 -5.94 0.61 -21.12
N GLU B 210 -6.54 1.66 -20.56
CA GLU B 210 -7.34 2.63 -21.30
C GLU B 210 -6.57 3.30 -22.45
N TRP B 211 -5.23 3.29 -22.41
CA TRP B 211 -4.44 3.84 -23.53
C TRP B 211 -4.09 2.79 -24.58
N LEU B 212 -4.29 1.51 -24.27
CA LEU B 212 -3.92 0.45 -25.18
C LEU B 212 -5.11 -0.06 -26.00
N VAL B 213 -5.61 0.79 -26.89
CA VAL B 213 -6.66 0.38 -27.82
C VAL B 213 -6.09 0.43 -29.23
N TYR B 214 -6.38 -0.61 -29.99
CA TYR B 214 -5.88 -0.71 -31.34
C TYR B 214 -6.91 -0.21 -32.36
N THR B 215 -6.41 0.16 -33.54
CA THR B 215 -7.18 0.79 -34.64
C THR B 215 -8.52 0.11 -34.87
N GLY B 216 -9.56 0.93 -35.04
CA GLY B 216 -10.94 0.42 -35.16
C GLY B 216 -11.66 0.17 -33.84
N HIS B 217 -11.24 0.84 -32.77
CA HIS B 217 -11.81 0.68 -31.41
C HIS B 217 -11.50 1.94 -30.58
N THR B 218 -12.43 2.33 -29.69
CA THR B 218 -12.22 3.46 -28.76
C THR B 218 -12.58 3.13 -27.35
N HIS B 219 -11.70 3.51 -26.42
CA HIS B 219 -12.04 3.55 -25.01
C HIS B 219 -13.16 4.57 -24.74
N VAL B 220 -14.30 4.11 -24.26
CA VAL B 220 -15.30 5.01 -23.69
C VAL B 220 -15.46 4.64 -22.23
N LYS B 221 -15.53 5.67 -21.39
CA LYS B 221 -15.68 5.52 -19.95
C LYS B 221 -17.14 5.51 -19.56
N ILE B 222 -17.57 4.41 -18.95
CA ILE B 222 -18.94 4.33 -18.42
C ILE B 222 -19.31 5.54 -17.56
N ALA B 223 -18.37 6.02 -16.74
CA ALA B 223 -18.60 7.18 -15.85
C ALA B 223 -19.14 8.41 -16.61
N THR B 224 -19.01 8.40 -17.95
CA THR B 224 -19.42 9.55 -18.75
C THR B 224 -20.81 9.38 -19.35
N LEU B 225 -21.41 8.22 -19.15
CA LEU B 225 -22.75 8.00 -19.62
C LEU B 225 -23.75 8.78 -18.75
N PRO B 226 -24.90 9.19 -19.32
CA PRO B 226 -25.87 9.94 -18.48
C PRO B 226 -26.23 9.16 -17.18
N GLY B 227 -26.09 9.80 -16.00
CA GLY B 227 -26.46 9.17 -14.73
C GLY B 227 -25.36 8.41 -13.99
N MET B 228 -24.23 8.22 -14.66
CA MET B 228 -23.12 7.37 -14.17
C MET B 228 -22.05 8.03 -13.28
N TRP B 229 -21.67 9.28 -13.56
CA TRP B 229 -20.75 10.03 -12.68
C TRP B 229 -20.99 9.85 -11.16
N GLU B 230 -22.24 9.94 -10.70
CA GLU B 230 -22.57 9.86 -9.26
C GLU B 230 -22.64 8.45 -8.70
N ARG B 231 -22.37 7.47 -9.55
CA ARG B 231 -22.42 6.09 -9.11
C ARG B 231 -21.22 5.23 -9.55
N THR B 232 -20.21 5.85 -10.16
CA THR B 232 -19.03 5.15 -10.67
C THR B 232 -17.72 5.56 -9.99
N ILE B 233 -16.89 4.57 -9.65
CA ILE B 233 -15.47 4.77 -9.34
C ILE B 233 -14.68 4.17 -10.50
N THR B 234 -13.80 4.97 -11.10
CA THR B 234 -12.97 4.57 -12.25
C THR B 234 -11.51 4.56 -11.87
N ILE B 235 -10.86 3.44 -12.16
CA ILE B 235 -9.54 3.15 -11.64
C ILE B 235 -8.50 3.18 -12.77
N GLY B 236 -7.35 3.84 -12.48
CA GLY B 236 -6.18 3.88 -13.35
C GLY B 236 -4.88 3.32 -12.76
N SER B 237 -3.85 3.19 -13.60
CA SER B 237 -2.53 2.66 -13.20
C SER B 237 -1.28 3.36 -13.79
N ALA B 238 -0.34 3.69 -12.90
CA ALA B 238 1.01 4.18 -13.27
C ALA B 238 1.70 3.06 -14.02
N GLY B 239 1.60 1.86 -13.46
CA GLY B 239 2.24 0.70 -14.03
C GLY B 239 1.90 0.46 -15.48
N THR B 241 0.03 2.56 -17.54
CA THR B 241 0.19 3.79 -18.34
C THR B 241 1.63 4.06 -18.81
N PHE B 242 2.63 3.85 -17.94
CA PHE B 242 4.03 4.22 -18.25
C PHE B 242 4.98 3.03 -18.31
N SER B 243 4.43 1.82 -18.42
CA SER B 243 5.20 0.57 -18.51
C SER B 243 6.18 0.40 -17.38
N VAL B 244 5.69 0.68 -16.18
CA VAL B 244 6.56 0.80 -15.03
C VAL B 244 5.89 0.02 -13.85
N THR B 245 5.71 -1.29 -14.04
CA THR B 245 4.73 -2.06 -13.24
C THR B 245 5.11 -2.08 -11.76
N GLY B 246 6.42 -2.11 -11.51
CA GLY B 246 6.94 -2.09 -10.17
C GLY B 246 6.83 -0.79 -9.39
N TRP B 247 6.16 0.23 -9.95
CA TRP B 247 5.99 1.49 -9.23
C TRP B 247 4.79 1.48 -8.31
N LYS B 248 3.82 0.61 -8.64
CA LYS B 248 2.63 0.34 -7.81
C LYS B 248 1.90 1.62 -7.38
N LEU B 249 1.46 2.38 -8.38
CA LEU B 249 0.67 3.57 -8.13
C LEU B 249 -0.57 3.61 -9.01
N GLY B 250 -1.72 3.81 -8.38
CA GLY B 250 -3.02 3.86 -9.08
C GLY B 250 -3.96 4.83 -8.45
N TRP B 251 -5.06 5.12 -9.12
CA TRP B 251 -5.95 6.20 -8.69
C TRP B 251 -7.39 5.85 -8.98
N SER B 252 -8.26 6.35 -8.11
CA SER B 252 -9.69 6.23 -8.26
C SER B 252 -10.20 7.63 -8.57
N ILE B 253 -10.98 7.77 -9.63
CA ILE B 253 -11.59 9.06 -9.92
C ILE B 253 -13.08 8.96 -9.76
N GLY B 254 -13.71 9.96 -9.16
CA GLY B 254 -15.16 9.89 -8.95
C GLY B 254 -15.75 10.85 -7.95
N PRO B 255 -17.06 10.75 -7.71
CA PRO B 255 -17.75 11.79 -6.93
C PRO B 255 -17.36 11.80 -5.45
N ALA B 256 -17.33 12.99 -4.87
CA ALA B 256 -16.90 13.19 -3.48
C ALA B 256 -17.54 12.24 -2.50
N HIS B 257 -18.84 12.00 -2.67
CA HIS B 257 -19.54 11.17 -1.70
C HIS B 257 -19.15 9.71 -1.81
N LEU B 258 -18.46 9.33 -2.90
CA LEU B 258 -17.88 8.00 -2.99
C LEU B 258 -16.39 8.00 -2.64
N ILE B 259 -15.66 9.00 -3.15
CA ILE B 259 -14.24 9.07 -2.85
C ILE B 259 -13.99 9.28 -1.37
N LYS B 260 -14.85 9.98 -0.65
CA LYS B 260 -14.56 10.14 0.80
C LYS B 260 -14.44 8.78 1.51
N HIS B 261 -15.20 7.79 1.08
CA HIS B 261 -15.15 6.49 1.70
C HIS B 261 -13.88 5.68 1.37
N LEU B 262 -13.39 5.86 0.16
CA LEU B 262 -12.17 5.22 -0.26
C LEU B 262 -11.01 5.86 0.50
N GLN B 263 -11.09 7.19 0.66
CA GLN B 263 -10.12 7.94 1.47
C GLN B 263 -10.05 7.43 2.92
N THR B 264 -11.21 7.13 3.51
CA THR B 264 -11.25 6.55 4.84
C THR B 264 -10.51 5.22 4.87
N VAL B 265 -10.81 4.32 3.93
CA VAL B 265 -10.13 3.02 3.92
C VAL B 265 -8.60 3.18 3.84
N GLN B 266 -8.14 4.01 2.91
CA GLN B 266 -6.75 4.30 2.79
C GLN B 266 -6.17 4.89 4.08
N GLN B 267 -6.88 5.83 4.68
CA GLN B 267 -6.35 6.44 5.92
C GLN B 267 -6.11 5.48 7.09
N ASN B 268 -6.87 4.38 7.13
CA ASN B 268 -6.78 3.38 8.19
C ASN B 268 -6.09 2.08 7.77
N SER B 269 -5.42 2.12 6.61
CA SER B 269 -4.65 0.97 6.12
C SER B 269 -3.18 1.28 5.83
N PHE B 270 -2.92 2.16 4.86
CA PHE B 270 -1.57 2.39 4.34
C PHE B 270 -1.13 3.83 4.51
N TYR B 271 -2.14 4.71 4.62
CA TYR B 271 -2.03 6.17 4.75
C TYR B 271 -1.45 6.83 3.50
N THR B 272 -0.14 7.07 3.45
CA THR B 272 0.38 7.81 2.33
C THR B 272 1.17 6.90 1.42
N CYS B 273 1.26 7.25 0.13
CA CYS B 273 2.04 6.50 -0.82
C CYS B 273 3.42 7.13 -0.95
N ALA B 274 4.36 6.39 -1.54
CA ALA B 274 5.72 6.87 -1.74
C ALA B 274 5.80 8.27 -2.38
N THR B 275 6.48 9.19 -1.71
CA THR B 275 6.72 10.50 -2.32
C THR B 275 7.51 10.51 -3.66
N PRO B 276 8.74 9.89 -3.72
CA PRO B 276 9.53 10.10 -4.96
C PRO B 276 8.90 9.48 -6.19
N LEU B 277 8.28 8.31 -6.05
CA LEU B 277 7.51 7.74 -7.14
C LEU B 277 6.45 8.69 -7.66
N GLN B 278 5.68 9.27 -6.73
CA GLN B 278 4.60 10.15 -7.12
C GLN B 278 5.09 11.45 -7.74
N ALA B 279 6.15 12.04 -7.20
CA ALA B 279 6.76 13.27 -7.73
C ALA B 279 7.19 13.07 -9.19
N ALA B 280 7.89 11.96 -9.42
CA ALA B 280 8.40 11.58 -10.71
C ALA B 280 7.27 11.38 -11.70
N LEU B 281 6.24 10.67 -11.25
CA LEU B 281 5.09 10.33 -12.07
C LEU B 281 4.35 11.56 -12.55
N ALA B 282 4.21 12.56 -11.68
CA ALA B 282 3.53 13.81 -12.00
C ALA B 282 4.23 14.52 -13.15
N GLU B 283 5.55 14.51 -13.10
CA GLU B 283 6.39 15.12 -14.09
C GLU B 283 6.35 14.40 -15.43
N ALA B 284 6.25 13.07 -15.37
CA ALA B 284 6.05 12.24 -16.55
C ALA B 284 4.72 12.59 -17.21
N PHE B 285 3.66 12.69 -16.39
CA PHE B 285 2.34 13.09 -16.86
C PHE B 285 2.40 14.45 -17.59
N TRP B 286 3.03 15.45 -16.96
CA TRP B 286 3.10 16.79 -17.55
C TRP B 286 3.76 16.74 -18.92
N ILE B 287 4.84 15.96 -19.01
CA ILE B 287 5.59 15.81 -20.26
C ILE B 287 4.63 15.37 -21.37
N ASP B 288 3.85 14.31 -21.13
CA ASP B 288 2.94 13.78 -22.15
C ASP B 288 1.61 14.53 -22.32
N ILE B 289 1.10 15.16 -21.25
CA ILE B 289 -0.13 15.96 -21.30
C ILE B 289 0.03 17.10 -22.31
N LYS B 290 1.24 17.71 -22.33
CA LYS B 290 1.59 18.85 -23.18
C LYS B 290 1.79 18.48 -24.67
N ARG B 291 1.67 17.21 -25.00
CA ARG B 291 1.92 16.79 -26.37
C ARG B 291 0.94 15.71 -26.82
N MET B 292 -0.34 15.91 -26.56
CA MET B 292 -1.36 14.88 -26.76
C MET B 292 -1.72 14.58 -28.20
N ASP B 293 -1.71 15.60 -29.05
CA ASP B 293 -1.92 15.40 -30.47
C ASP B 293 -0.68 14.87 -31.21
N ASP B 294 0.47 14.75 -30.54
CA ASP B 294 1.69 14.29 -31.21
C ASP B 294 1.89 12.79 -31.17
N PRO B 295 2.33 12.19 -32.29
CA PRO B 295 2.76 10.79 -32.26
C PRO B 295 3.90 10.46 -31.25
N GLU B 296 4.49 11.48 -30.62
CA GLU B 296 5.53 11.32 -29.56
C GLU B 296 4.97 10.99 -28.16
N CYS B 297 3.83 11.59 -27.84
CA CYS B 297 3.08 11.24 -26.65
C CYS B 297 3.03 9.74 -26.41
N TYR B 298 3.46 9.34 -25.20
CA TYR B 298 3.55 7.92 -24.86
C TYR B 298 2.20 7.22 -24.98
N PHE B 299 1.14 8.03 -24.83
CA PHE B 299 -0.22 7.57 -24.97
C PHE B 299 -0.56 7.11 -26.38
N ASN B 300 0.17 7.62 -27.38
CA ASN B 300 -0.08 7.37 -28.80
C ASN B 300 0.98 6.43 -29.32
N SER B 301 2.23 6.72 -28.97
CA SER B 301 3.39 5.95 -29.41
C SER B 301 3.43 4.54 -28.84
N LEU B 302 2.87 4.33 -27.64
CA LEU B 302 2.87 2.96 -27.08
C LEU B 302 1.89 2.00 -27.77
N PRO B 303 0.58 2.35 -27.85
CA PRO B 303 -0.35 1.48 -28.61
C PRO B 303 0.10 1.20 -30.07
N LYS B 304 0.75 2.19 -30.69
CA LYS B 304 1.27 2.04 -32.04
C LYS B 304 2.40 1.00 -32.12
N GLU B 305 3.40 1.08 -31.22
CA GLU B 305 4.47 0.07 -31.09
C GLU B 305 3.86 -1.32 -30.78
N LEU B 306 2.83 -1.35 -29.93
CA LEU B 306 2.25 -2.63 -29.50
C LEU B 306 1.37 -3.35 -30.54
N GLU B 307 0.64 -2.59 -31.36
CA GLU B 307 -0.20 -3.18 -32.42
C GLU B 307 0.59 -4.08 -33.37
N VAL B 308 1.81 -3.63 -33.70
CA VAL B 308 2.73 -4.32 -34.59
C VAL B 308 3.13 -5.63 -33.92
N LYS B 309 3.48 -5.56 -32.64
CA LYS B 309 3.83 -6.73 -31.83
C LYS B 309 2.66 -7.71 -31.66
N ARG B 310 1.43 -7.18 -31.52
CA ARG B 310 0.21 -8.00 -31.53
C ARG B 310 0.04 -8.78 -32.83
N ASP B 311 0.07 -8.06 -33.95
CA ASP B 311 -0.05 -8.64 -35.28
C ASP B 311 0.97 -9.73 -35.53
N ARG B 312 2.19 -9.47 -35.08
CA ARG B 312 3.28 -10.45 -35.15
C ARG B 312 2.96 -11.75 -34.41
N MET B 313 2.34 -11.59 -33.24
CA MET B 313 1.96 -12.69 -32.38
C MET B 313 0.82 -13.51 -32.93
N VAL B 314 -0.11 -12.83 -33.59
CA VAL B 314 -1.23 -13.48 -34.28
C VAL B 314 -0.73 -14.43 -35.36
N ARG B 315 0.17 -13.95 -36.21
CA ARG B 315 0.83 -14.80 -37.22
C ARG B 315 1.53 -16.03 -36.58
N LEU B 316 2.36 -15.78 -35.58
CA LEU B 316 3.10 -16.86 -34.94
C LEU B 316 2.18 -17.90 -34.33
N LEU B 317 1.13 -17.44 -33.67
CA LEU B 317 0.17 -18.36 -33.08
C LEU B 317 -0.51 -19.20 -34.18
N ASN B 318 -0.97 -18.53 -35.25
CA ASN B 318 -1.57 -19.16 -36.44
C ASN B 318 -0.59 -20.15 -37.03
N SER B 319 0.66 -19.73 -37.12
CA SER B 319 1.70 -20.53 -37.76
C SER B 319 1.85 -21.96 -37.20
N VAL B 320 1.33 -22.24 -36.00
CA VAL B 320 1.43 -23.59 -35.42
C VAL B 320 0.07 -24.24 -35.07
N GLY B 321 -1.00 -23.59 -35.58
CA GLY B 321 -2.36 -24.10 -35.43
C GLY B 321 -2.98 -23.85 -34.07
N LEU B 322 -2.42 -22.86 -33.35
CA LEU B 322 -3.05 -22.26 -32.16
C LEU B 322 -3.94 -21.13 -32.66
N LYS B 323 -5.25 -21.28 -32.51
CA LYS B 323 -6.19 -20.31 -33.05
C LYS B 323 -6.29 -19.07 -32.11
N PRO B 324 -5.67 -17.93 -32.49
CA PRO B 324 -5.66 -16.77 -31.59
C PRO B 324 -6.91 -15.90 -31.70
N ILE B 325 -7.28 -15.25 -30.59
CA ILE B 325 -8.38 -14.26 -30.55
C ILE B 325 -7.75 -12.88 -30.57
N VAL B 326 -7.84 -12.16 -31.70
CA VAL B 326 -7.13 -10.87 -31.78
C VAL B 326 -7.76 -9.82 -30.85
N PRO B 327 -6.95 -9.26 -29.92
CA PRO B 327 -7.45 -8.27 -28.94
C PRO B 327 -7.59 -6.85 -29.48
N ASP B 328 -8.71 -6.20 -29.14
CA ASP B 328 -8.96 -4.79 -29.46
C ASP B 328 -8.08 -3.85 -28.64
N GLY B 329 -7.60 -4.34 -27.50
CA GLY B 329 -6.82 -3.56 -26.56
C GLY B 329 -6.01 -4.41 -25.62
N GLY B 330 -5.20 -3.75 -24.77
CA GLY B 330 -4.35 -4.42 -23.78
C GLY B 330 -3.17 -5.15 -24.41
N TYR B 331 -2.40 -5.87 -23.61
CA TYR B 331 -1.21 -6.49 -24.17
C TYR B 331 -1.12 -7.98 -23.92
N PHE B 332 -2.30 -8.58 -23.90
CA PHE B 332 -2.44 -10.01 -23.83
C PHE B 332 -3.20 -10.56 -25.03
N ILE B 333 -2.79 -11.74 -25.48
CA ILE B 333 -3.54 -12.46 -26.49
C ILE B 333 -3.88 -13.88 -26.00
N ILE B 334 -5.18 -14.21 -26.01
CA ILE B 334 -5.68 -15.58 -25.79
C ILE B 334 -5.66 -16.39 -27.10
N ALA B 335 -5.20 -17.64 -27.03
CA ALA B 335 -5.29 -18.60 -28.13
C ALA B 335 -5.96 -19.89 -27.69
N ASP B 336 -6.85 -20.41 -28.57
CA ASP B 336 -7.47 -21.73 -28.44
C ASP B 336 -6.46 -22.82 -28.80
N VAL B 337 -6.32 -23.80 -27.91
CA VAL B 337 -5.33 -24.86 -28.05
C VAL B 337 -5.91 -26.21 -28.49
N SER B 338 -7.23 -26.34 -28.37
CA SER B 338 -7.92 -27.65 -28.45
C SER B 338 -7.57 -28.54 -29.67
N SER B 339 -7.59 -27.93 -30.86
CA SER B 339 -7.20 -28.66 -32.05
C SER B 339 -5.70 -28.49 -32.36
N LEU B 340 -4.88 -28.87 -31.38
CA LEU B 340 -3.53 -29.32 -31.65
C LEU B 340 -3.58 -30.81 -31.47
N GLY B 341 -2.41 -31.45 -31.66
CA GLY B 341 -2.13 -32.77 -31.07
C GLY B 341 -2.33 -32.62 -29.57
N ALA B 342 -3.56 -32.86 -29.13
CA ALA B 342 -4.05 -32.47 -27.81
C ALA B 342 -4.06 -33.66 -26.83
N ASP B 343 -3.00 -34.47 -26.88
CA ASP B 343 -2.88 -35.66 -26.02
C ASP B 343 -1.81 -35.50 -24.95
N LEU B 344 -2.27 -35.59 -23.70
CA LEU B 344 -1.48 -35.32 -22.50
C LEU B 344 -1.75 -36.39 -21.40
N SER B 345 -1.30 -37.62 -21.65
CA SER B 345 -1.37 -38.77 -20.70
C SER B 345 -0.50 -38.64 -19.44
N ASP B 346 0.63 -37.94 -19.59
CA ASP B 346 1.66 -37.69 -18.55
C ASP B 346 1.14 -37.17 -17.20
N MET B 347 0.07 -36.36 -17.24
CA MET B 347 -0.57 -35.77 -16.06
C MET B 347 -2.01 -36.33 -15.91
N ASN B 348 -2.22 -37.15 -14.89
CA ASN B 348 -3.53 -37.75 -14.59
C ASN B 348 -4.45 -36.84 -13.77
N SER B 349 -5.71 -37.27 -13.60
CA SER B 349 -6.73 -36.61 -12.78
C SER B 349 -7.02 -35.13 -13.18
N ASP B 350 -8.32 -34.80 -13.26
CA ASP B 350 -8.77 -33.59 -13.96
C ASP B 350 -8.77 -32.23 -13.18
N GLU B 351 -7.58 -31.82 -12.73
CA GLU B 351 -7.27 -30.40 -12.67
C GLU B 351 -7.11 -29.93 -14.15
N PRO B 352 -7.49 -28.65 -14.49
CA PRO B 352 -7.91 -28.20 -15.85
C PRO B 352 -6.97 -28.39 -17.05
N TYR B 353 -7.55 -28.61 -18.24
CA TYR B 353 -6.78 -28.95 -19.45
C TYR B 353 -5.71 -27.93 -19.75
N ASP B 354 -6.07 -26.65 -19.68
CA ASP B 354 -5.11 -25.56 -19.91
C ASP B 354 -3.90 -25.52 -18.98
N TYR B 355 -4.07 -25.87 -17.70
CA TYR B 355 -2.89 -26.00 -16.82
C TYR B 355 -1.94 -27.08 -17.35
N LYS B 356 -2.49 -28.25 -17.68
CA LYS B 356 -1.72 -29.36 -18.25
C LYS B 356 -0.98 -28.96 -19.53
N PHE B 357 -1.70 -28.32 -20.46
CA PHE B 357 -1.09 -27.77 -21.68
C PHE B 357 0.03 -26.75 -21.47
N VAL B 358 -0.15 -25.82 -20.54
CA VAL B 358 0.90 -24.82 -20.23
C VAL B 358 2.15 -25.54 -19.70
N LYS B 359 1.93 -26.56 -18.86
CA LYS B 359 3.02 -27.37 -18.30
C LYS B 359 3.75 -28.18 -19.38
N TRP B 360 2.98 -28.81 -20.26
CA TRP B 360 3.48 -29.45 -21.46
C TRP B 360 4.31 -28.52 -22.38
N MET B 361 3.78 -27.35 -22.70
CA MET B 361 4.48 -26.41 -23.57
C MET B 361 5.79 -25.86 -22.95
N THR B 362 5.80 -25.65 -21.63
CA THR B 362 7.03 -25.28 -20.90
C THR B 362 8.06 -26.35 -21.16
N LYS B 363 7.76 -27.58 -20.74
CA LYS B 363 8.73 -28.67 -20.78
C LYS B 363 9.21 -29.00 -22.18
N HIS B 364 8.29 -29.09 -23.14
CA HIS B 364 8.62 -29.57 -24.49
C HIS B 364 8.99 -28.47 -25.49
N LYS B 365 8.49 -27.26 -25.29
CA LYS B 365 8.75 -26.17 -26.25
C LYS B 365 9.44 -24.96 -25.62
N LYS B 366 9.61 -25.01 -24.30
CA LYS B 366 10.33 -23.99 -23.54
C LYS B 366 9.64 -22.59 -23.60
N LEU B 367 8.32 -22.62 -23.75
CA LEU B 367 7.47 -21.43 -23.81
C LEU B 367 6.43 -21.49 -22.68
N THR B 368 6.27 -20.40 -21.92
CA THR B 368 5.17 -20.38 -20.95
C THR B 368 4.08 -19.42 -21.34
N ALA B 369 2.90 -19.74 -20.84
CA ALA B 369 1.70 -18.95 -20.96
C ALA B 369 0.85 -19.14 -19.69
N ILE B 370 -0.25 -18.39 -19.57
CA ILE B 370 -1.14 -18.48 -18.43
C ILE B 370 -2.44 -19.13 -18.87
N PRO B 371 -2.87 -20.18 -18.13
CA PRO B 371 -4.11 -20.89 -18.40
C PRO B 371 -5.33 -20.05 -18.02
N VAL B 372 -6.26 -19.89 -18.96
CA VAL B 372 -7.38 -18.96 -18.83
C VAL B 372 -8.34 -19.34 -17.68
N SER B 373 -8.47 -20.64 -17.43
CA SER B 373 -9.24 -21.13 -16.29
C SER B 373 -8.88 -20.44 -14.94
N ALA B 374 -7.64 -19.98 -14.80
CA ALA B 374 -7.19 -19.28 -13.58
C ALA B 374 -7.88 -17.91 -13.38
N PHE B 375 -8.58 -17.42 -14.39
CA PHE B 375 -9.36 -16.21 -14.27
C PHE B 375 -10.84 -16.53 -14.23
N CYS B 376 -11.21 -17.74 -13.77
CA CYS B 376 -12.62 -18.20 -13.71
C CYS B 376 -13.06 -18.76 -12.36
N ASP B 377 -14.29 -18.47 -11.95
CA ASP B 377 -14.90 -19.17 -10.83
C ASP B 377 -14.96 -20.63 -11.20
N SER B 378 -15.04 -21.46 -10.16
CA SER B 378 -15.09 -22.90 -10.30
C SER B 378 -16.16 -23.43 -11.30
N LYS B 379 -17.38 -22.90 -11.27
CA LYS B 379 -18.43 -23.35 -12.19
C LYS B 379 -18.17 -22.96 -13.66
N SER B 380 -17.31 -21.97 -13.88
CA SER B 380 -17.04 -21.51 -15.23
C SER B 380 -15.84 -22.13 -15.95
N LYS B 381 -14.88 -22.70 -15.20
CA LYS B 381 -13.62 -23.24 -15.77
C LYS B 381 -13.86 -24.18 -16.98
N PRO B 382 -14.82 -25.15 -16.88
CA PRO B 382 -14.95 -26.04 -18.05
C PRO B 382 -15.17 -25.34 -19.38
N HIS B 383 -15.78 -24.17 -19.37
CA HIS B 383 -16.12 -23.43 -20.59
C HIS B 383 -14.98 -22.60 -21.18
N PHE B 384 -13.86 -22.55 -20.45
CA PHE B 384 -12.71 -21.71 -20.79
C PHE B 384 -11.34 -22.40 -20.71
N GLU B 385 -11.34 -23.68 -20.37
CA GLU B 385 -10.12 -24.42 -20.10
C GLU B 385 -9.31 -24.89 -21.34
N LYS B 386 -9.78 -24.63 -22.56
CA LYS B 386 -8.94 -24.89 -23.77
C LYS B 386 -8.27 -23.58 -24.25
N LEU B 387 -8.23 -22.57 -23.37
CA LEU B 387 -7.74 -21.25 -23.75
C LEU B 387 -6.53 -20.84 -22.96
N VAL B 388 -5.59 -20.17 -23.62
CA VAL B 388 -4.26 -19.88 -23.05
C VAL B 388 -3.87 -18.44 -23.39
N ARG B 389 -3.40 -17.69 -22.38
CA ARG B 389 -3.03 -16.31 -22.57
C ARG B 389 -1.51 -16.06 -22.65
N PHE B 390 -1.10 -15.33 -23.68
CA PHE B 390 0.29 -14.94 -23.94
C PHE B 390 0.43 -13.43 -23.77
N CYS B 391 1.59 -12.96 -23.32
CA CYS B 391 1.84 -11.52 -23.14
C CYS B 391 2.79 -11.03 -24.23
N PHE B 392 2.46 -9.92 -24.91
CA PHE B 392 3.31 -9.43 -25.99
C PHE B 392 3.93 -8.05 -25.80
N ILE B 393 3.84 -7.47 -24.61
CA ILE B 393 4.60 -6.23 -24.32
C ILE B 393 6.08 -6.62 -24.14
N LYS B 394 6.69 -7.05 -25.24
CA LYS B 394 8.01 -7.66 -25.19
C LYS B 394 8.89 -7.03 -26.24
N LYS B 395 10.15 -6.83 -25.87
CA LYS B 395 11.17 -6.35 -26.81
C LYS B 395 11.36 -7.34 -28.00
N ASP B 396 11.84 -6.83 -29.13
CA ASP B 396 12.05 -7.66 -30.33
C ASP B 396 12.93 -8.91 -30.11
N SER B 397 14.01 -8.78 -29.31
CA SER B 397 14.80 -9.92 -28.84
C SER B 397 13.89 -11.05 -28.41
N THR B 398 12.90 -10.73 -27.57
CA THR B 398 12.04 -11.74 -26.92
C THR B 398 11.07 -12.38 -27.90
N LEU B 399 10.58 -11.57 -28.82
CA LEU B 399 9.69 -12.11 -29.85
C LEU B 399 10.47 -12.88 -30.95
N ASP B 400 11.68 -12.41 -31.30
CA ASP B 400 12.62 -13.20 -32.10
C ASP B 400 12.78 -14.59 -31.50
N ALA B 401 13.13 -14.65 -30.21
CA ALA B 401 13.26 -15.93 -29.49
C ALA B 401 11.97 -16.75 -29.51
N ALA B 402 10.84 -16.05 -29.60
CA ALA B 402 9.54 -16.72 -29.73
C ALA B 402 9.40 -17.37 -31.11
N GLU B 403 9.67 -16.59 -32.18
CA GLU B 403 9.70 -17.10 -33.55
C GLU B 403 10.48 -18.38 -33.71
N GLU B 404 11.67 -18.46 -33.10
CA GLU B 404 12.54 -19.64 -33.18
C GLU B 404 11.90 -20.89 -32.58
N ILE B 405 11.03 -20.68 -31.58
CA ILE B 405 10.33 -21.81 -30.97
C ILE B 405 9.17 -22.31 -31.82
N PHE B 406 8.36 -21.37 -32.34
CA PHE B 406 7.23 -21.68 -33.24
C PHE B 406 7.73 -22.32 -34.55
N ARG B 407 8.86 -21.81 -35.06
CA ARG B 407 9.55 -22.34 -36.25
C ARG B 407 9.93 -23.80 -36.03
N ALA B 408 10.47 -24.08 -34.84
CA ALA B 408 10.93 -25.42 -34.47
C ALA B 408 9.86 -26.25 -33.75
N TRP B 409 8.60 -25.89 -33.93
CA TRP B 409 7.52 -26.57 -33.20
C TRP B 409 7.29 -27.94 -33.80
N ASN B 410 7.16 -27.98 -35.12
CA ASN B 410 6.75 -29.19 -35.86
C ASN B 410 7.97 -29.92 -36.44
#